data_4KLC
#
_entry.id   4KLC
#
_cell.length_a   62.659
_cell.length_b   133.404
_cell.length_c   136.781
_cell.angle_alpha   90.00
_cell.angle_beta   90.00
_cell.angle_gamma   90.00
#
_symmetry.space_group_name_H-M   'P 21 21 2'
#
loop_
_entity.id
_entity.type
_entity.pdbx_description
1 polymer 'Ferrochelatase, mitochondrial'
2 non-polymer 'FE2/S2 (INORGANIC) CLUSTER'
3 non-polymer 'PROTOPORPHYRIN IX CONTAINING FE'
4 non-polymer GLYCEROL
5 water water
#
_entity_poly.entity_id   1
_entity_poly.type   'polypeptide(L)'
_entity_poly.pdbx_seq_one_letter_code
;MGGSHHHHHHGRKPKTGILMLNMGGPETLGDVHDFLLRLFLDRDLMTLPIQNKLAPAIAKRRTPKIQEQYRRIGGGSPIK
IWTSKQGEGMVKLLDELSPNTAPHKYYIGFRYVHPLTEEAIEEMERDGLERAIAFTQYPQYSCSTTGSSLNAIYRYYNQV
GRKPTMKWSTIDRWPTHHLLIQCFADHILKELDHFPLEKRSEVVILFSAHSLPMSVVNRGDPYPQEVSATVQKVMERLEY
CNPYRLVWQSKVGPMPWLGPQTDESIKGLCERGRKNILLVPIAFTSDHIDTLYELDIEYSQVLAKECGVENIRRAESLNG
NPLFSKALADLVHSHIQSNELCSKQLTLSCPLCVNPVCRETKSFFTSQQL
;
_entity_poly.pdbx_strand_id   A,B
#
# COMPACT_ATOMS: atom_id res chain seq x y z
N ARG A 12 -16.07 41.86 10.52
CA ARG A 12 -15.56 41.11 11.73
C ARG A 12 -14.27 40.34 11.37
N LYS A 13 -13.22 40.52 12.18
CA LYS A 13 -11.85 40.18 11.81
C LYS A 13 -11.57 38.67 11.90
N PRO A 14 -10.77 38.09 10.97
CA PRO A 14 -10.45 36.64 11.06
C PRO A 14 -9.58 36.19 12.26
N LYS A 15 -9.93 35.05 12.88
CA LYS A 15 -9.11 34.44 13.92
C LYS A 15 -8.28 33.26 13.43
N THR A 16 -8.90 32.40 12.62
CA THR A 16 -8.27 31.14 12.19
C THR A 16 -8.15 31.09 10.67
N GLY A 17 -6.89 31.02 10.26
CA GLY A 17 -6.56 30.92 8.85
C GLY A 17 -6.16 29.53 8.48
N ILE A 18 -6.72 29.06 7.35
CA ILE A 18 -6.46 27.75 6.87
C ILE A 18 -5.75 27.85 5.53
N LEU A 19 -4.52 27.38 5.55
CA LEU A 19 -3.67 27.44 4.43
C LEU A 19 -3.80 26.12 3.64
N MET A 20 -4.33 26.17 2.43
CA MET A 20 -4.62 24.98 1.63
C MET A 20 -3.49 24.88 0.61
N LEU A 21 -2.72 23.80 0.69
CA LEU A 21 -1.57 23.59 -0.15
C LEU A 21 -1.72 22.52 -1.24
N ASN A 22 -1.22 22.87 -2.42
CA ASN A 22 -1.21 21.97 -3.58
C ASN A 22 -0.16 22.60 -4.48
N MET A 23 0.48 21.83 -5.36
CA MET A 23 1.57 22.35 -6.16
C MET A 23 1.02 23.46 -7.03
N GLY A 24 -0.16 23.22 -7.59
CA GLY A 24 -0.82 24.21 -8.37
C GLY A 24 -0.95 23.84 -9.83
N GLY A 25 -1.44 24.80 -10.61
CA GLY A 25 -1.41 24.69 -12.05
C GLY A 25 -1.55 26.06 -12.69
N PRO A 26 -0.98 26.23 -13.89
CA PRO A 26 -1.09 27.49 -14.64
C PRO A 26 -2.53 27.77 -14.99
N GLU A 27 -3.11 28.81 -14.41
CA GLU A 27 -4.48 29.24 -14.72
C GLU A 27 -4.75 29.62 -16.20
N THR A 28 -3.74 30.19 -16.84
CA THR A 28 -3.84 30.63 -18.25
C THR A 28 -2.68 30.03 -18.98
N LEU A 29 -2.82 29.88 -20.29
CA LEU A 29 -1.63 29.56 -21.19
C LEU A 29 -0.31 30.35 -20.87
N GLY A 30 -0.41 31.62 -20.45
CA GLY A 30 0.79 32.46 -20.29
C GLY A 30 1.66 32.06 -19.12
N ASP A 31 1.00 31.37 -18.20
CA ASP A 31 1.55 31.01 -16.91
C ASP A 31 2.40 29.78 -17.00
N VAL A 32 2.24 29.04 -18.07
CA VAL A 32 2.92 27.75 -18.18
C VAL A 32 4.43 27.83 -17.91
N HIS A 33 5.05 28.93 -18.37
CA HIS A 33 6.49 29.10 -18.33
C HIS A 33 7.14 29.13 -16.93
N ASP A 34 6.69 30.03 -16.06
CA ASP A 34 7.24 30.13 -14.70
C ASP A 34 6.83 28.94 -13.80
N PHE A 35 5.67 28.35 -14.14
CA PHE A 35 5.23 27.11 -13.53
C PHE A 35 6.24 26.04 -13.85
N LEU A 36 6.61 25.90 -15.11
CA LEU A 36 7.65 24.94 -15.43
C LEU A 36 9.03 25.29 -14.83
N LEU A 37 9.31 26.58 -14.69
CA LEU A 37 10.58 27.01 -14.10
C LEU A 37 10.61 26.78 -12.58
N ARG A 38 9.60 27.23 -11.85
CA ARG A 38 9.64 27.16 -10.38
C ARG A 38 9.73 25.69 -9.96
N LEU A 39 9.16 24.83 -10.81
CA LEU A 39 9.08 23.41 -10.58
C LEU A 39 10.36 22.63 -10.92
N PHE A 40 11.00 22.96 -12.04
CA PHE A 40 12.25 22.29 -12.31
C PHE A 40 13.37 22.87 -11.42
N LEU A 41 13.07 23.93 -10.68
CA LEU A 41 14.02 24.44 -9.70
C LEU A 41 13.90 23.77 -8.32
N ASP A 42 12.68 23.34 -7.96
CA ASP A 42 12.35 22.82 -6.61
C ASP A 42 13.20 21.60 -6.24
N ARG A 43 14.14 21.77 -5.31
CA ARG A 43 15.04 20.66 -4.90
C ARG A 43 14.30 19.46 -4.27
N ASP A 44 13.37 19.76 -3.36
CA ASP A 44 12.60 18.74 -2.61
C ASP A 44 11.70 17.85 -3.48
N LEU A 45 11.54 18.21 -4.77
CA LEU A 45 10.81 17.41 -5.75
C LEU A 45 11.77 16.53 -6.56
N MET A 46 12.86 17.09 -7.03
CA MET A 46 13.72 16.33 -7.91
C MET A 46 15.21 16.54 -7.76
N THR A 47 15.90 15.46 -8.15
CA THR A 47 17.34 15.35 -8.48
C THR A 47 18.14 16.62 -8.82
N LEU A 48 19.42 16.59 -8.45
CA LEU A 48 20.33 17.74 -8.58
C LEU A 48 21.35 17.67 -9.77
N PRO A 49 20.84 17.72 -11.04
CA PRO A 49 21.73 17.55 -12.19
C PRO A 49 22.35 18.86 -12.73
N ILE A 50 23.26 19.47 -11.95
CA ILE A 50 23.74 20.85 -12.18
C ILE A 50 22.59 21.83 -12.45
N GLN A 51 21.39 21.42 -12.05
CA GLN A 51 20.19 22.20 -12.35
C GLN A 51 20.47 23.67 -12.06
N ASN A 52 20.03 24.16 -10.91
CA ASN A 52 20.45 25.45 -10.36
C ASN A 52 20.06 26.60 -11.29
N LYS A 53 20.43 26.41 -12.58
CA LYS A 53 20.10 27.25 -13.73
C LYS A 53 20.13 26.34 -14.97
N LEU A 54 19.60 25.12 -14.82
CA LEU A 54 19.39 24.17 -15.94
C LEU A 54 17.89 24.12 -16.27
N ALA A 55 17.09 24.32 -15.23
CA ALA A 55 15.65 24.54 -15.35
C ALA A 55 15.24 25.59 -16.41
N PRO A 56 15.95 26.75 -16.50
CA PRO A 56 15.55 27.81 -17.41
C PRO A 56 15.50 27.33 -18.84
N ALA A 57 16.49 26.52 -19.23
CA ALA A 57 16.55 25.96 -20.58
C ALA A 57 15.35 25.04 -20.86
N ILE A 58 15.09 24.13 -19.93
CA ILE A 58 13.99 23.17 -20.00
C ILE A 58 12.62 23.83 -20.06
N ALA A 59 12.43 24.88 -19.26
CA ALA A 59 11.18 25.61 -19.27
C ALA A 59 10.95 26.20 -20.67
N LYS A 60 11.99 26.77 -21.27
CA LYS A 60 11.91 27.27 -22.64
C LYS A 60 11.39 26.22 -23.63
N ARG A 61 12.02 25.05 -23.62
CA ARG A 61 11.75 24.05 -24.65
C ARG A 61 10.36 23.44 -24.55
N ARG A 62 9.95 23.16 -23.31
CA ARG A 62 8.77 22.38 -23.03
C ARG A 62 7.53 23.22 -23.02
N THR A 63 7.68 24.52 -22.75
CA THR A 63 6.52 25.42 -22.55
C THR A 63 5.49 25.27 -23.64
N PRO A 64 5.88 25.51 -24.90
CA PRO A 64 5.00 25.40 -26.07
C PRO A 64 4.22 24.08 -26.18
N LYS A 65 4.93 22.94 -26.06
CA LYS A 65 4.35 21.57 -25.98
C LYS A 65 3.33 21.41 -24.85
N ILE A 66 3.71 21.83 -23.65
CA ILE A 66 2.81 21.74 -22.51
C ILE A 66 1.64 22.66 -22.76
N GLN A 67 1.95 23.80 -23.36
CA GLN A 67 0.94 24.80 -23.64
C GLN A 67 -0.08 24.19 -24.55
N GLU A 68 0.36 23.45 -25.55
CA GLU A 68 -0.60 22.89 -26.46
C GLU A 68 -1.52 21.96 -25.67
N GLN A 69 -0.93 21.21 -24.72
CA GLN A 69 -1.70 20.31 -23.84
C GLN A 69 -2.80 21.13 -23.08
N TYR A 70 -2.40 22.22 -22.42
CA TYR A 70 -3.40 23.03 -21.74
C TYR A 70 -4.42 23.67 -22.70
N ARG A 71 -4.05 23.75 -23.98
CA ARG A 71 -4.93 24.36 -24.98
C ARG A 71 -6.14 23.44 -25.15
N ARG A 72 -5.88 22.15 -25.34
CA ARG A 72 -6.93 21.17 -25.52
C ARG A 72 -7.89 20.96 -24.30
N ILE A 73 -7.63 21.60 -23.15
CA ILE A 73 -8.60 21.53 -22.02
C ILE A 73 -9.22 22.89 -21.54
N GLY A 74 -9.40 23.85 -22.45
CA GLY A 74 -9.92 25.19 -22.11
C GLY A 74 -8.82 26.23 -21.85
N GLY A 75 -7.56 25.82 -22.02
CA GLY A 75 -6.45 26.75 -21.92
C GLY A 75 -6.01 27.10 -20.51
N GLY A 76 -5.66 26.08 -19.72
CA GLY A 76 -5.26 26.25 -18.32
C GLY A 76 -5.86 25.21 -17.37
N SER A 77 -5.35 25.16 -16.15
CA SER A 77 -5.89 24.28 -15.08
C SER A 77 -7.05 24.89 -14.26
N PRO A 78 -8.05 24.06 -13.89
CA PRO A 78 -9.16 24.55 -13.04
C PRO A 78 -8.94 24.48 -11.48
N ILE A 79 -7.73 24.12 -11.06
CA ILE A 79 -7.40 23.94 -9.64
C ILE A 79 -7.79 25.10 -8.73
N LYS A 80 -7.49 26.34 -9.15
CA LYS A 80 -7.77 27.48 -8.32
C LYS A 80 -9.29 27.64 -8.14
N ILE A 81 -10.01 27.48 -9.24
CA ILE A 81 -11.46 27.50 -9.20
C ILE A 81 -11.90 26.46 -8.17
N TRP A 82 -11.43 25.23 -8.33
CA TRP A 82 -11.90 24.18 -7.44
C TRP A 82 -11.51 24.45 -6.01
N THR A 83 -10.23 24.79 -5.81
CA THR A 83 -9.76 25.03 -4.50
C THR A 83 -10.55 26.11 -3.78
N SER A 84 -10.97 27.16 -4.49
CA SER A 84 -11.62 28.29 -3.82
C SER A 84 -13.02 27.87 -3.43
N LYS A 85 -13.64 27.07 -4.30
CA LYS A 85 -14.94 26.51 -4.08
C LYS A 85 -14.91 25.65 -2.82
N GLN A 86 -13.96 24.72 -2.77
CA GLN A 86 -13.86 23.78 -1.67
C GLN A 86 -13.66 24.54 -0.39
N GLY A 87 -12.81 25.56 -0.45
CA GLY A 87 -12.44 26.37 0.73
C GLY A 87 -13.56 27.25 1.24
N GLU A 88 -14.37 27.82 0.33
CA GLU A 88 -15.49 28.64 0.76
C GLU A 88 -16.48 27.77 1.45
N GLY A 89 -16.76 26.61 0.89
CA GLY A 89 -17.62 25.67 1.60
C GLY A 89 -17.10 25.31 3.00
N MET A 90 -15.81 24.96 3.08
CA MET A 90 -15.19 24.58 4.33
C MET A 90 -15.37 25.68 5.36
N VAL A 91 -14.91 26.88 5.04
CA VAL A 91 -15.14 28.06 5.89
C VAL A 91 -16.60 28.27 6.39
N LYS A 92 -17.60 28.15 5.52
CA LYS A 92 -18.98 28.32 5.98
C LYS A 92 -19.41 27.29 7.07
N LEU A 93 -19.04 26.02 6.86
CA LEU A 93 -19.34 24.95 7.78
C LEU A 93 -18.64 25.20 9.11
N LEU A 94 -17.40 25.66 9.05
CA LEU A 94 -16.54 25.82 10.26
C LEU A 94 -16.99 27.01 11.13
N ASP A 95 -17.37 28.15 10.50
CA ASP A 95 -18.02 29.27 11.24
C ASP A 95 -19.28 28.80 12.05
N GLU A 96 -19.94 27.73 11.63
CA GLU A 96 -21.07 27.15 12.39
C GLU A 96 -20.65 26.06 13.37
N LEU A 97 -19.71 25.21 12.96
CA LEU A 97 -19.42 24.02 13.74
C LEU A 97 -18.42 24.31 14.81
N SER A 98 -17.65 25.38 14.62
CA SER A 98 -16.56 25.68 15.54
C SER A 98 -16.54 27.17 15.80
N PRO A 99 -17.60 27.69 16.45
CA PRO A 99 -17.70 29.12 16.78
C PRO A 99 -16.63 29.64 17.74
N ASN A 100 -16.06 28.81 18.62
CA ASN A 100 -14.93 29.28 19.45
C ASN A 100 -13.76 29.82 18.59
N THR A 101 -13.64 29.33 17.36
CA THR A 101 -12.53 29.70 16.48
C THR A 101 -13.17 30.49 15.37
N ALA A 102 -14.42 30.80 15.69
CA ALA A 102 -15.50 31.30 14.88
C ALA A 102 -15.33 32.01 13.59
N PRO A 103 -14.37 32.98 13.50
CA PRO A 103 -14.18 33.59 12.13
C PRO A 103 -13.10 32.93 11.32
N HIS A 104 -13.48 32.08 10.39
CA HIS A 104 -12.43 31.35 9.68
C HIS A 104 -12.19 31.98 8.35
N LYS A 105 -10.97 31.80 7.85
CA LYS A 105 -10.57 32.24 6.53
C LYS A 105 -9.65 31.20 5.86
N TYR A 106 -9.93 30.86 4.62
CA TYR A 106 -8.97 30.10 3.86
C TYR A 106 -8.01 30.99 3.02
N TYR A 107 -6.89 30.39 2.64
CA TYR A 107 -5.83 30.98 1.84
C TYR A 107 -5.34 29.89 0.95
N ILE A 108 -5.16 30.24 -0.32
CA ILE A 108 -4.64 29.28 -1.29
C ILE A 108 -3.14 29.43 -1.31
N GLY A 109 -2.43 28.32 -1.29
CA GLY A 109 -0.99 28.43 -1.31
C GLY A 109 -0.43 27.42 -2.25
N PHE A 110 -0.10 27.89 -3.45
CA PHE A 110 0.40 27.01 -4.50
C PHE A 110 1.94 27.04 -4.45
N ARG A 111 2.56 25.94 -4.89
CA ARG A 111 3.98 25.76 -4.80
C ARG A 111 4.71 26.21 -6.07
N TYR A 112 4.03 26.19 -7.20
CA TYR A 112 4.60 26.51 -8.49
C TYR A 112 3.78 27.53 -9.33
N VAL A 113 2.70 28.10 -8.80
CA VAL A 113 1.95 29.13 -9.53
C VAL A 113 1.44 30.07 -8.50
N HIS A 114 0.93 31.25 -8.93
CA HIS A 114 0.32 32.29 -8.08
C HIS A 114 -1.13 31.97 -7.75
N PRO A 115 -1.55 32.20 -6.50
CA PRO A 115 -0.85 32.76 -5.36
C PRO A 115 0.01 31.74 -4.67
N LEU A 116 1.31 32.02 -4.64
CA LEU A 116 2.29 31.12 -4.06
C LEU A 116 2.14 30.93 -2.53
N THR A 117 2.69 29.80 -2.04
CA THR A 117 2.82 29.51 -0.59
C THR A 117 3.33 30.78 0.15
N GLU A 118 4.42 31.30 -0.43
CA GLU A 118 5.14 32.47 0.04
C GLU A 118 4.31 33.73 0.08
N GLU A 119 3.41 33.90 -0.89
CA GLU A 119 2.50 35.05 -0.96
C GLU A 119 1.29 34.91 -0.03
N ALA A 120 0.86 33.67 0.20
CA ALA A 120 -0.21 33.37 1.14
C ALA A 120 0.23 33.67 2.60
N ILE A 121 1.44 33.25 2.95
CA ILE A 121 1.84 33.43 4.33
C ILE A 121 1.97 34.92 4.61
N GLU A 122 2.37 35.68 3.57
CA GLU A 122 2.54 37.10 3.82
C GLU A 122 1.23 37.76 3.98
N GLU A 123 0.23 37.38 3.21
CA GLU A 123 -1.13 37.88 3.50
C GLU A 123 -1.66 37.41 4.87
N MET A 124 -1.32 36.19 5.27
CA MET A 124 -1.76 35.69 6.61
C MET A 124 -1.21 36.51 7.79
N GLU A 125 0.11 36.71 7.80
CA GLU A 125 0.77 37.54 8.82
C GLU A 125 0.15 38.91 8.84
N ARG A 126 -0.08 39.47 7.65
CA ARG A 126 -0.73 40.78 7.60
C ARG A 126 -2.08 40.83 8.24
N ASP A 127 -2.83 39.73 8.23
CA ASP A 127 -4.21 39.75 8.73
C ASP A 127 -4.25 39.63 10.24
N GLY A 128 -3.11 39.32 10.87
CA GLY A 128 -3.07 39.19 12.33
C GLY A 128 -3.86 38.05 12.95
N LEU A 129 -3.72 36.84 12.39
CA LEU A 129 -4.41 35.63 12.85
C LEU A 129 -4.06 35.19 14.27
N GLU A 130 -5.02 34.65 15.00
CA GLU A 130 -4.66 33.93 16.21
C GLU A 130 -4.05 32.57 15.82
N ARG A 131 -4.40 32.05 14.64
CA ARG A 131 -4.02 30.69 14.33
C ARG A 131 -3.84 30.42 12.85
N ALA A 132 -2.86 29.62 12.50
CA ALA A 132 -2.70 29.22 11.13
C ALA A 132 -2.49 27.72 11.08
N ILE A 133 -3.11 27.07 10.09
CA ILE A 133 -3.00 25.64 9.92
C ILE A 133 -2.58 25.36 8.50
N ALA A 134 -1.62 24.49 8.34
CA ALA A 134 -1.13 24.11 7.03
C ALA A 134 -1.83 22.88 6.63
N PHE A 135 -2.89 23.03 5.87
CA PHE A 135 -3.72 21.91 5.47
C PHE A 135 -3.40 21.54 4.07
N THR A 136 -2.47 20.59 3.90
CA THR A 136 -2.22 20.02 2.59
C THR A 136 -3.45 19.39 1.97
N GLN A 137 -3.62 19.62 0.67
CA GLN A 137 -4.68 19.00 -0.08
C GLN A 137 -4.26 17.74 -0.71
N TYR A 138 -3.08 17.26 -0.37
CA TYR A 138 -2.79 15.89 -0.76
C TYR A 138 -3.16 14.84 0.33
N PRO A 139 -4.25 14.09 0.13
CA PRO A 139 -4.60 13.19 1.26
C PRO A 139 -3.46 12.25 1.67
N GLN A 140 -2.70 11.79 0.68
CA GLN A 140 -1.65 10.81 0.87
C GLN A 140 -0.25 11.49 0.86
N TYR A 141 0.59 11.19 1.84
CA TYR A 141 1.80 12.00 2.06
C TYR A 141 2.97 11.59 1.15
N SER A 142 3.60 12.56 0.49
CA SER A 142 4.91 12.32 -0.15
C SER A 142 5.79 13.45 0.26
N CYS A 143 7.07 13.18 0.46
CA CYS A 143 8.05 14.28 0.67
C CYS A 143 8.12 15.22 -0.56
N SER A 144 7.76 14.70 -1.72
CA SER A 144 7.67 15.44 -2.97
C SER A 144 6.50 16.39 -3.05
N THR A 145 5.45 16.08 -2.27
CA THR A 145 4.18 16.76 -2.38
C THR A 145 3.97 17.55 -1.10
N THR A 146 3.40 16.91 -0.09
CA THR A 146 3.19 17.62 1.16
C THR A 146 4.51 18.15 1.75
N GLY A 147 5.55 17.31 1.68
CA GLY A 147 6.90 17.69 2.12
C GLY A 147 7.39 18.99 1.52
N SER A 148 7.17 19.18 0.24
CA SER A 148 7.71 20.37 -0.42
C SER A 148 6.96 21.62 0.01
N SER A 149 5.65 21.52 0.15
CA SER A 149 4.87 22.63 0.63
C SER A 149 5.19 23.00 2.11
N LEU A 150 5.42 22.01 2.95
CA LEU A 150 5.66 22.31 4.31
C LEU A 150 7.06 22.95 4.47
N ASN A 151 8.09 22.36 3.85
CA ASN A 151 9.40 23.02 3.69
C ASN A 151 9.31 24.51 3.24
N ALA A 152 8.47 24.80 2.23
CA ALA A 152 8.29 26.18 1.78
C ALA A 152 7.78 27.08 2.89
N ILE A 153 7.08 26.53 3.88
CA ILE A 153 6.65 27.37 4.99
C ILE A 153 7.83 27.64 5.95
N TYR A 154 8.55 26.61 6.36
CA TYR A 154 9.63 26.84 7.25
C TYR A 154 10.58 27.89 6.60
N ARG A 155 10.89 27.69 5.31
CA ARG A 155 11.87 28.52 4.59
C ARG A 155 11.40 29.96 4.42
N TYR A 156 10.09 30.15 4.23
CA TYR A 156 9.59 31.51 4.13
C TYR A 156 10.05 32.29 5.34
N TYR A 157 9.94 31.69 6.52
CA TYR A 157 10.22 32.38 7.79
C TYR A 157 11.72 32.32 8.08
N ASN A 158 12.40 31.43 7.40
CA ASN A 158 13.84 31.49 7.41
C ASN A 158 14.26 32.75 6.62
N GLN A 159 13.78 32.88 5.38
CA GLN A 159 14.16 33.95 4.47
C GLN A 159 13.88 35.30 5.09
N VAL A 160 12.73 35.47 5.68
CA VAL A 160 12.39 36.79 6.15
C VAL A 160 13.08 37.07 7.49
N GLY A 161 13.63 36.02 8.11
CA GLY A 161 14.27 36.13 9.43
C GLY A 161 13.42 36.69 10.56
N ARG A 162 12.32 36.01 10.89
CA ARG A 162 11.54 36.30 12.12
C ARG A 162 10.55 35.17 12.36
N LYS A 163 10.45 34.75 13.62
CA LYS A 163 9.41 33.82 14.02
C LYS A 163 7.98 34.29 13.60
N PRO A 164 7.03 33.34 13.41
CA PRO A 164 5.62 33.67 13.07
C PRO A 164 4.95 34.53 14.13
N THR A 165 3.94 35.30 13.75
CA THR A 165 3.21 36.07 14.77
C THR A 165 1.86 35.45 15.14
N MET A 166 1.79 34.12 15.03
CA MET A 166 0.58 33.33 15.16
C MET A 166 0.98 31.86 15.38
N LYS A 167 0.11 31.11 16.05
CA LYS A 167 0.35 29.68 16.25
C LYS A 167 0.13 28.90 14.95
N TRP A 168 1.13 28.07 14.62
CA TRP A 168 1.11 27.20 13.47
C TRP A 168 0.88 25.72 13.77
N SER A 169 0.12 25.04 12.91
CA SER A 169 -0.03 23.58 13.05
C SER A 169 -0.21 23.01 11.68
N THR A 170 -0.06 21.70 11.52
CA THR A 170 -0.41 21.15 10.21
C THR A 170 -1.30 19.89 10.24
N ILE A 171 -2.17 19.81 9.25
CA ILE A 171 -2.88 18.60 8.93
C ILE A 171 -2.14 18.19 7.73
N ASP A 172 -1.24 17.24 7.91
CA ASP A 172 -0.25 16.94 6.91
C ASP A 172 -0.56 15.70 6.13
N ARG A 173 -1.52 14.91 6.61
CA ARG A 173 -2.00 13.80 5.84
C ARG A 173 -3.40 13.38 6.31
N TRP A 174 -4.09 12.62 5.45
CA TRP A 174 -5.45 12.18 5.74
C TRP A 174 -5.92 11.10 4.77
N PRO A 175 -5.05 10.14 4.47
CA PRO A 175 -5.38 9.13 3.44
C PRO A 175 -6.70 8.36 3.68
N THR A 176 -7.19 8.32 4.92
CA THR A 176 -8.42 7.60 5.19
C THR A 176 -9.60 8.39 5.82
N HIS A 177 -9.68 9.71 5.67
CA HIS A 177 -10.74 10.36 6.36
C HIS A 177 -12.02 9.84 5.83
N HIS A 178 -12.96 9.52 6.72
CA HIS A 178 -14.11 8.66 6.31
C HIS A 178 -14.98 9.35 5.27
N LEU A 179 -14.98 10.68 5.28
CA LEU A 179 -15.84 11.39 4.33
C LEU A 179 -15.15 11.44 2.97
N LEU A 180 -13.82 11.36 2.97
CA LEU A 180 -13.11 11.38 1.73
C LEU A 180 -13.46 10.04 1.06
N ILE A 181 -13.53 9.00 1.91
CA ILE A 181 -13.81 7.64 1.48
C ILE A 181 -15.26 7.53 1.01
N GLN A 182 -16.18 8.19 1.73
CA GLN A 182 -17.54 8.21 1.27
C GLN A 182 -17.61 8.90 -0.12
N CYS A 183 -16.93 10.03 -0.28
CA CYS A 183 -16.90 10.72 -1.56
C CYS A 183 -16.39 9.86 -2.70
N PHE A 184 -15.23 9.21 -2.51
CA PHE A 184 -14.73 8.34 -3.58
C PHE A 184 -15.68 7.20 -3.92
N ALA A 185 -16.33 6.64 -2.93
CA ALA A 185 -17.16 5.48 -3.13
C ALA A 185 -18.47 5.91 -3.82
N ASP A 186 -19.10 6.99 -3.36
CA ASP A 186 -20.26 7.56 -4.10
C ASP A 186 -19.96 7.87 -5.58
N HIS A 187 -18.80 8.45 -5.89
CA HIS A 187 -18.53 8.82 -7.26
C HIS A 187 -18.31 7.58 -8.10
N ILE A 188 -17.89 6.51 -7.44
CA ILE A 188 -17.67 5.30 -8.17
C ILE A 188 -18.99 4.61 -8.44
N LEU A 189 -19.93 4.63 -7.49
CA LEU A 189 -21.18 3.91 -7.70
C LEU A 189 -21.95 4.54 -8.84
N LYS A 190 -21.94 5.88 -8.86
CA LYS A 190 -22.65 6.57 -9.87
C LYS A 190 -22.07 6.45 -11.28
N GLU A 191 -20.76 6.19 -11.40
CA GLU A 191 -20.17 5.88 -12.73
C GLU A 191 -20.45 4.43 -13.16
N LEU A 192 -20.30 3.50 -12.23
CA LEU A 192 -20.72 2.12 -12.42
C LEU A 192 -22.13 2.06 -12.99
N ASP A 193 -22.96 3.01 -12.57
CA ASP A 193 -24.34 3.11 -13.02
C ASP A 193 -24.55 3.41 -14.51
N HIS A 194 -23.54 3.90 -15.20
CA HIS A 194 -23.60 4.20 -16.61
C HIS A 194 -23.08 3.06 -17.51
N PHE A 195 -22.28 2.16 -16.97
CA PHE A 195 -21.98 0.92 -17.70
C PHE A 195 -23.28 0.17 -18.06
N PRO A 196 -23.34 -0.47 -19.25
CA PRO A 196 -24.53 -1.28 -19.54
C PRO A 196 -24.81 -2.27 -18.40
N LEU A 197 -26.09 -2.54 -18.10
CA LEU A 197 -26.38 -3.34 -16.93
C LEU A 197 -25.72 -4.71 -17.01
N GLU A 198 -25.30 -5.10 -18.21
CA GLU A 198 -24.74 -6.42 -18.40
C GLU A 198 -23.23 -6.33 -18.42
N LYS A 199 -22.70 -5.12 -18.39
CA LYS A 199 -21.26 -4.95 -18.35
C LYS A 199 -20.75 -4.50 -16.97
N ARG A 200 -21.69 -4.19 -16.07
CA ARG A 200 -21.36 -3.73 -14.74
C ARG A 200 -20.46 -4.72 -13.96
N SER A 201 -20.98 -5.92 -13.68
CA SER A 201 -20.29 -6.81 -12.77
C SER A 201 -18.89 -7.16 -13.25
N GLU A 202 -18.61 -7.02 -14.54
CA GLU A 202 -17.26 -7.37 -15.00
C GLU A 202 -16.35 -6.13 -15.01
N VAL A 203 -16.91 -4.95 -14.72
CA VAL A 203 -16.09 -3.75 -14.67
C VAL A 203 -14.93 -3.91 -13.69
N VAL A 204 -13.72 -3.61 -14.12
CA VAL A 204 -12.69 -3.64 -13.16
C VAL A 204 -12.42 -2.20 -12.77
N ILE A 205 -12.17 -1.99 -11.47
CA ILE A 205 -11.85 -0.67 -10.98
C ILE A 205 -10.33 -0.43 -10.94
N LEU A 206 -9.85 0.47 -11.78
CA LEU A 206 -8.42 0.75 -11.84
C LEU A 206 -8.13 2.00 -11.08
N PHE A 207 -7.59 1.85 -9.88
CA PHE A 207 -7.21 3.03 -9.09
C PHE A 207 -5.88 3.60 -9.62
N SER A 208 -5.87 4.86 -10.02
CA SER A 208 -4.64 5.42 -10.59
C SER A 208 -4.14 6.62 -9.86
N ALA A 209 -2.91 6.56 -9.38
CA ALA A 209 -2.23 7.76 -8.77
C ALA A 209 -0.94 8.15 -9.50
N HIS A 210 -0.53 9.42 -9.36
CA HIS A 210 0.76 9.94 -9.91
C HIS A 210 1.83 9.00 -9.35
N SER A 211 2.70 8.47 -10.22
CA SER A 211 3.85 7.63 -9.82
C SER A 211 4.94 8.47 -9.16
N LEU A 212 6.00 7.79 -8.75
CA LEU A 212 7.14 8.43 -8.07
C LEU A 212 8.36 7.67 -8.51
N PRO A 213 9.50 8.35 -8.69
CA PRO A 213 10.67 7.58 -9.10
C PRO A 213 11.01 6.55 -8.06
N MET A 214 11.40 5.37 -8.49
CA MET A 214 11.90 4.39 -7.56
C MET A 214 12.95 4.91 -6.58
N SER A 215 13.62 6.00 -6.95
CA SER A 215 14.64 6.59 -6.09
C SER A 215 13.99 7.29 -4.92
N VAL A 216 12.82 7.86 -5.17
CA VAL A 216 12.05 8.45 -4.13
C VAL A 216 11.40 7.34 -3.33
N VAL A 217 10.86 6.30 -3.98
CA VAL A 217 10.26 5.16 -3.24
C VAL A 217 11.29 4.48 -2.32
N ASN A 218 12.47 4.15 -2.87
CA ASN A 218 13.52 3.38 -2.15
C ASN A 218 14.18 4.18 -1.01
N ARG A 219 13.96 5.49 -1.03
CA ARG A 219 14.37 6.39 0.01
C ARG A 219 13.59 6.11 1.36
N GLY A 220 12.35 5.63 1.21
CA GLY A 220 11.46 5.43 2.36
C GLY A 220 10.17 6.22 2.29
N ASP A 221 9.93 6.87 1.17
CA ASP A 221 8.77 7.76 1.03
C ASP A 221 7.40 7.07 1.29
N PRO A 222 6.66 7.63 2.25
CA PRO A 222 5.39 7.05 2.77
C PRO A 222 4.18 7.01 1.79
N TYR A 223 4.26 7.71 0.66
CA TYR A 223 3.15 7.85 -0.26
C TYR A 223 2.45 6.56 -0.75
N PRO A 224 3.21 5.60 -1.30
CA PRO A 224 2.47 4.45 -1.88
C PRO A 224 1.78 3.58 -0.84
N GLN A 225 2.30 3.53 0.38
CA GLN A 225 1.61 2.78 1.47
C GLN A 225 0.29 3.49 1.82
N GLU A 226 0.32 4.81 1.83
CA GLU A 226 -0.86 5.59 2.17
C GLU A 226 -1.94 5.54 1.14
N VAL A 227 -1.57 5.78 -0.15
CA VAL A 227 -2.47 5.58 -1.34
C VAL A 227 -3.09 4.20 -1.29
N SER A 228 -2.30 3.20 -0.94
CA SER A 228 -2.84 1.86 -0.81
C SER A 228 -3.87 1.82 0.28
N ALA A 229 -3.71 2.65 1.29
CA ALA A 229 -4.65 2.63 2.39
C ALA A 229 -5.95 3.23 1.93
N THR A 230 -5.92 4.32 1.16
CA THR A 230 -7.15 4.90 0.63
C THR A 230 -7.91 3.83 -0.15
N VAL A 231 -7.21 3.17 -1.07
CA VAL A 231 -7.86 2.20 -1.97
C VAL A 231 -8.58 1.12 -1.20
N GLN A 232 -7.89 0.50 -0.23
CA GLN A 232 -8.51 -0.62 0.50
C GLN A 232 -9.79 -0.11 1.18
N LYS A 233 -9.69 1.08 1.76
CA LYS A 233 -10.77 1.66 2.51
C LYS A 233 -12.00 1.97 1.62
N VAL A 234 -11.78 2.48 0.42
CA VAL A 234 -12.86 2.64 -0.56
C VAL A 234 -13.47 1.28 -0.99
N MET A 235 -12.63 0.30 -1.30
CA MET A 235 -13.13 -1.02 -1.62
C MET A 235 -13.96 -1.72 -0.52
N GLU A 236 -13.61 -1.56 0.75
CA GLU A 236 -14.45 -2.17 1.79
C GLU A 236 -15.81 -1.47 1.79
N ARG A 237 -15.80 -0.14 1.72
CA ARG A 237 -17.06 0.62 1.67
C ARG A 237 -17.89 0.21 0.43
N LEU A 238 -17.23 -0.24 -0.66
CA LEU A 238 -17.94 -0.73 -1.82
C LEU A 238 -18.25 -2.18 -1.63
N GLU A 239 -17.90 -2.76 -0.48
CA GLU A 239 -18.16 -4.16 -0.26
C GLU A 239 -17.54 -5.05 -1.35
N TYR A 240 -16.42 -4.60 -1.92
CA TYR A 240 -15.70 -5.34 -2.97
C TYR A 240 -16.57 -5.73 -4.16
N CYS A 241 -17.55 -4.90 -4.45
CA CYS A 241 -18.52 -5.17 -5.51
C CYS A 241 -17.82 -5.54 -6.83
N ASN A 242 -16.73 -4.83 -7.14
CA ASN A 242 -15.91 -5.06 -8.36
C ASN A 242 -14.43 -5.37 -8.11
N PRO A 243 -13.80 -6.14 -9.01
CA PRO A 243 -12.38 -6.29 -8.82
C PRO A 243 -11.62 -5.01 -9.17
N TYR A 244 -10.38 -4.95 -8.71
CA TYR A 244 -9.59 -3.72 -8.90
C TYR A 244 -8.13 -3.94 -8.80
N ARG A 245 -7.37 -2.89 -9.05
CA ARG A 245 -5.94 -2.96 -8.95
C ARG A 245 -5.49 -1.53 -8.66
N LEU A 246 -4.45 -1.32 -7.88
CA LEU A 246 -3.89 0.03 -7.83
C LEU A 246 -2.75 0.08 -8.86
N VAL A 247 -2.76 1.07 -9.73
CA VAL A 247 -1.69 1.25 -10.75
C VAL A 247 -1.29 2.71 -10.71
N TRP A 248 -0.30 3.12 -11.50
CA TRP A 248 0.28 4.43 -11.32
C TRP A 248 0.49 5.17 -12.62
N GLN A 249 0.15 6.46 -12.63
CA GLN A 249 0.22 7.23 -13.85
C GLN A 249 1.39 8.16 -13.85
N SER A 250 1.89 8.40 -15.06
CA SER A 250 3.08 9.18 -15.35
C SER A 250 4.31 8.30 -15.09
N LYS A 251 5.48 8.93 -15.18
CA LYS A 251 6.81 8.32 -15.34
C LYS A 251 7.57 9.16 -16.38
N VAL A 252 7.57 10.48 -16.24
CA VAL A 252 8.50 11.29 -17.04
C VAL A 252 9.99 10.84 -16.80
N GLY A 253 10.77 10.88 -17.87
CA GLY A 253 12.20 10.76 -17.75
C GLY A 253 12.72 9.44 -18.27
N PRO A 254 14.02 9.19 -18.06
CA PRO A 254 14.61 7.87 -18.29
C PRO A 254 14.48 6.92 -17.07
N MET A 255 14.28 7.51 -15.89
CA MET A 255 14.44 6.79 -14.62
C MET A 255 13.39 5.70 -14.43
N PRO A 256 13.75 4.65 -13.68
CA PRO A 256 12.71 3.70 -13.23
C PRO A 256 11.74 4.39 -12.25
N TRP A 257 10.43 4.26 -12.51
CA TRP A 257 9.38 4.71 -11.60
C TRP A 257 8.59 3.51 -11.14
N LEU A 258 7.83 3.64 -10.06
CA LEU A 258 7.00 2.54 -9.59
C LEU A 258 5.82 2.34 -10.56
N GLY A 259 5.50 1.07 -10.76
CA GLY A 259 4.45 0.68 -11.69
C GLY A 259 3.53 -0.32 -11.03
N PRO A 260 2.61 -0.92 -11.80
CA PRO A 260 2.45 -0.76 -13.23
C PRO A 260 2.05 0.66 -13.61
N GLN A 261 2.36 1.08 -14.83
CA GLN A 261 1.79 2.32 -15.34
C GLN A 261 0.33 2.15 -15.72
N THR A 262 -0.42 3.21 -15.55
CA THR A 262 -1.84 3.17 -15.85
C THR A 262 -2.06 2.78 -17.32
N ASP A 263 -1.20 3.32 -18.19
CA ASP A 263 -1.29 3.11 -19.63
C ASP A 263 -1.05 1.67 -20.06
N GLU A 264 0.04 1.06 -19.62
CA GLU A 264 0.29 -0.34 -19.91
C GLU A 264 -0.70 -1.26 -19.20
N SER A 265 -1.54 -0.72 -18.31
CA SER A 265 -2.47 -1.59 -17.57
C SER A 265 -3.74 -1.69 -18.33
N ILE A 266 -4.16 -0.56 -18.90
CA ILE A 266 -5.35 -0.51 -19.74
C ILE A 266 -5.11 -1.39 -20.96
N LYS A 267 -4.01 -1.13 -21.66
CA LYS A 267 -3.65 -1.99 -22.78
C LYS A 267 -3.46 -3.41 -22.30
N GLY A 268 -3.04 -3.59 -21.06
CA GLY A 268 -2.88 -4.92 -20.57
C GLY A 268 -4.21 -5.64 -20.46
N LEU A 269 -5.14 -5.00 -19.77
CA LEU A 269 -6.45 -5.58 -19.52
C LEU A 269 -7.18 -5.91 -20.84
N CYS A 270 -7.10 -4.98 -21.79
CA CYS A 270 -7.81 -5.18 -23.04
C CYS A 270 -7.27 -6.42 -23.75
N GLU A 271 -5.96 -6.51 -23.88
CA GLU A 271 -5.40 -7.64 -24.60
C GLU A 271 -5.81 -8.95 -23.91
N ARG A 272 -6.55 -8.86 -22.80
CA ARG A 272 -6.83 -10.03 -21.97
C ARG A 272 -8.32 -10.24 -21.77
N GLY A 273 -9.12 -9.83 -22.73
CA GLY A 273 -10.58 -9.95 -22.54
C GLY A 273 -11.16 -9.12 -21.38
N ARG A 274 -10.43 -8.13 -20.88
CA ARG A 274 -11.04 -7.21 -19.89
C ARG A 274 -11.25 -5.82 -20.48
N LYS A 275 -12.47 -5.54 -20.91
CA LYS A 275 -12.67 -4.34 -21.74
C LYS A 275 -13.55 -3.28 -21.10
N ASN A 276 -14.08 -3.55 -19.92
CA ASN A 276 -14.79 -2.53 -19.16
C ASN A 276 -14.07 -2.16 -17.89
N ILE A 277 -13.51 -0.95 -17.96
CA ILE A 277 -12.61 -0.41 -17.00
C ILE A 277 -13.14 0.92 -16.48
N LEU A 278 -13.21 1.05 -15.15
CA LEU A 278 -13.54 2.31 -14.48
C LEU A 278 -12.30 2.95 -13.84
N LEU A 279 -11.80 4.03 -14.44
CA LEU A 279 -10.64 4.75 -13.93
C LEU A 279 -11.00 5.61 -12.75
N VAL A 280 -10.15 5.55 -11.71
CA VAL A 280 -10.37 6.33 -10.48
C VAL A 280 -9.17 7.14 -10.06
N PRO A 281 -9.30 8.46 -10.13
CA PRO A 281 -8.21 9.38 -9.75
C PRO A 281 -8.18 9.43 -8.27
N ILE A 282 -7.25 8.71 -7.60
CA ILE A 282 -7.36 8.44 -6.14
C ILE A 282 -6.43 9.24 -5.18
N ALA A 283 -5.55 10.02 -5.79
CA ALA A 283 -4.54 10.77 -5.09
C ALA A 283 -4.78 12.29 -5.27
N PHE A 284 -5.80 12.62 -6.05
CA PHE A 284 -6.14 14.00 -6.25
C PHE A 284 -7.61 14.38 -6.01
N THR A 285 -7.84 15.63 -5.63
CA THR A 285 -9.14 16.10 -5.16
C THR A 285 -9.87 17.04 -6.11
N SER A 286 -9.29 17.25 -7.28
CA SER A 286 -9.95 18.05 -8.31
C SER A 286 -9.39 17.75 -9.69
N ASP A 287 -10.00 18.34 -10.71
CA ASP A 287 -9.53 18.15 -12.08
C ASP A 287 -8.20 18.81 -12.38
N HIS A 288 -7.48 18.22 -13.32
CA HIS A 288 -6.27 18.84 -13.87
C HIS A 288 -5.72 18.03 -15.03
N ILE A 289 -4.55 18.46 -15.52
CA ILE A 289 -3.95 17.94 -16.77
C ILE A 289 -3.82 16.41 -16.70
N ASP A 290 -3.58 15.89 -15.49
CA ASP A 290 -3.49 14.46 -15.22
C ASP A 290 -4.86 13.81 -15.49
N THR A 291 -5.94 14.47 -15.09
CA THR A 291 -7.26 13.85 -15.24
C THR A 291 -7.99 14.23 -16.52
N LEU A 292 -7.86 15.48 -16.96
CA LEU A 292 -8.62 15.98 -18.09
C LEU A 292 -7.88 15.73 -19.41
N TYR A 293 -6.55 15.70 -19.32
CA TYR A 293 -5.71 15.41 -20.48
C TYR A 293 -5.17 13.98 -20.45
N GLU A 294 -4.22 13.69 -19.56
CA GLU A 294 -3.57 12.38 -19.46
C GLU A 294 -4.59 11.21 -19.41
N LEU A 295 -5.54 11.22 -18.45
CA LEU A 295 -6.53 10.15 -18.33
C LEU A 295 -7.71 10.24 -19.31
N ASP A 296 -8.47 11.33 -19.32
CA ASP A 296 -9.68 11.40 -20.16
C ASP A 296 -9.39 11.48 -21.66
N ILE A 297 -8.77 12.57 -22.12
CA ILE A 297 -8.26 12.58 -23.48
C ILE A 297 -7.07 11.67 -23.31
N GLU A 298 -6.55 11.07 -24.38
CA GLU A 298 -5.22 10.41 -24.36
C GLU A 298 -5.14 8.93 -23.96
N TYR A 299 -5.57 8.58 -22.75
CA TYR A 299 -5.74 7.15 -22.42
C TYR A 299 -7.18 6.70 -22.73
N SER A 300 -8.16 7.58 -22.54
CA SER A 300 -9.58 7.20 -22.68
C SER A 300 -10.09 7.37 -24.10
N GLN A 301 -9.32 8.05 -24.93
CA GLN A 301 -9.75 8.30 -26.30
C GLN A 301 -8.75 7.68 -27.29
N VAL A 302 -7.50 8.14 -27.28
CA VAL A 302 -6.51 7.73 -28.28
C VAL A 302 -6.06 6.24 -28.12
N LEU A 303 -5.58 5.93 -26.92
CA LEU A 303 -5.06 4.61 -26.60
C LEU A 303 -6.17 3.55 -26.50
N ALA A 304 -7.30 3.91 -25.90
CA ALA A 304 -8.42 2.97 -25.71
C ALA A 304 -9.08 2.56 -27.03
N LYS A 305 -9.07 3.48 -28.00
CA LYS A 305 -9.55 3.22 -29.34
C LYS A 305 -8.66 2.19 -30.05
N GLU A 306 -7.34 2.41 -29.99
CA GLU A 306 -6.36 1.48 -30.55
C GLU A 306 -6.36 0.08 -29.90
N CYS A 307 -6.98 -0.02 -28.74
CA CYS A 307 -6.92 -1.23 -27.93
C CYS A 307 -8.18 -2.08 -28.05
N GLY A 308 -9.25 -1.47 -28.52
CA GLY A 308 -10.53 -2.14 -28.62
C GLY A 308 -11.21 -2.26 -27.27
N VAL A 309 -11.26 -1.14 -26.53
CA VAL A 309 -12.02 -1.07 -25.28
C VAL A 309 -13.53 -1.01 -25.60
N GLU A 310 -14.35 -1.70 -24.81
CA GLU A 310 -15.81 -1.65 -25.02
C GLU A 310 -16.41 -0.44 -24.30
N ASN A 311 -15.87 -0.14 -23.12
CA ASN A 311 -16.26 1.02 -22.30
C ASN A 311 -15.19 1.33 -21.27
N ILE A 312 -14.73 2.57 -21.25
CA ILE A 312 -13.81 3.01 -20.23
C ILE A 312 -14.30 4.32 -19.62
N ARG A 313 -14.69 4.28 -18.34
CA ARG A 313 -15.21 5.48 -17.65
C ARG A 313 -14.29 6.05 -16.56
N ARG A 314 -14.46 7.32 -16.22
CA ARG A 314 -13.61 7.92 -15.23
C ARG A 314 -14.52 8.53 -14.17
N ALA A 315 -14.29 8.07 -12.93
CA ALA A 315 -15.04 8.54 -11.82
C ALA A 315 -14.82 10.06 -11.72
N GLU A 316 -15.93 10.77 -11.63
CA GLU A 316 -15.85 12.18 -11.45
C GLU A 316 -14.96 12.51 -10.22
N SER A 317 -14.09 13.48 -10.44
CA SER A 317 -13.26 14.01 -9.39
C SER A 317 -14.19 14.65 -8.36
N LEU A 318 -13.68 14.85 -7.15
CA LEU A 318 -14.49 15.36 -6.05
C LEU A 318 -14.91 16.80 -6.30
N ASN A 319 -13.95 17.65 -6.67
CA ASN A 319 -14.29 18.96 -7.20
C ASN A 319 -15.31 19.65 -6.25
N GLY A 320 -16.49 20.00 -6.75
CA GLY A 320 -17.52 20.65 -5.90
C GLY A 320 -18.41 19.78 -5.00
N ASN A 321 -18.15 18.46 -4.90
CA ASN A 321 -19.06 17.62 -4.11
C ASN A 321 -19.18 18.22 -2.70
N PRO A 322 -20.40 18.62 -2.29
CA PRO A 322 -20.52 19.31 -0.97
C PRO A 322 -20.00 18.44 0.16
N LEU A 323 -20.08 17.14 -0.02
CA LEU A 323 -19.60 16.20 0.97
C LEU A 323 -18.06 16.33 1.10
N PHE A 324 -17.40 17.05 0.19
CA PHE A 324 -15.94 17.13 0.27
C PHE A 324 -15.59 18.34 1.06
N SER A 325 -16.44 19.33 0.91
CA SER A 325 -16.30 20.46 1.77
C SER A 325 -16.54 20.01 3.22
N LYS A 326 -17.55 19.17 3.41
CA LYS A 326 -17.87 18.71 4.75
C LYS A 326 -16.64 17.97 5.29
N ALA A 327 -15.93 17.24 4.43
CA ALA A 327 -14.67 16.56 4.79
C ALA A 327 -13.54 17.52 5.16
N LEU A 328 -13.48 18.68 4.53
CA LEU A 328 -12.39 19.56 4.83
C LEU A 328 -12.65 20.14 6.21
N ALA A 329 -13.87 20.64 6.38
CA ALA A 329 -14.28 21.22 7.66
C ALA A 329 -14.09 20.23 8.81
N ASP A 330 -14.48 18.99 8.62
CA ASP A 330 -14.39 18.01 9.69
C ASP A 330 -12.91 17.73 10.07
N LEU A 331 -12.03 17.74 9.08
CA LEU A 331 -10.60 17.66 9.35
C LEU A 331 -10.10 18.85 10.17
N VAL A 332 -10.55 20.03 9.84
CA VAL A 332 -9.98 21.19 10.49
C VAL A 332 -10.45 21.25 11.92
N HIS A 333 -11.76 21.00 12.10
CA HIS A 333 -12.34 20.96 13.40
C HIS A 333 -11.76 19.87 14.33
N SER A 334 -11.58 18.65 13.82
CA SER A 334 -11.02 17.56 14.62
C SER A 334 -9.60 17.93 14.98
N HIS A 335 -8.97 18.75 14.13
CA HIS A 335 -7.58 19.06 14.31
C HIS A 335 -7.42 20.12 15.43
N ILE A 336 -8.36 21.03 15.49
CA ILE A 336 -8.45 22.05 16.48
C ILE A 336 -8.74 21.36 17.81
N GLN A 337 -9.87 20.66 17.93
CA GLN A 337 -10.20 19.95 19.17
C GLN A 337 -9.09 19.06 19.71
N SER A 338 -8.38 18.35 18.86
CA SER A 338 -7.34 17.46 19.37
C SER A 338 -6.09 18.21 19.89
N ASN A 339 -6.00 19.51 19.57
CA ASN A 339 -4.78 20.35 19.83
C ASN A 339 -3.42 19.76 19.42
N GLU A 340 -3.43 19.08 18.28
CA GLU A 340 -2.29 18.36 17.83
C GLU A 340 -1.50 19.39 17.01
N LEU A 341 -0.21 19.13 16.88
CA LEU A 341 0.68 19.96 16.13
C LEU A 341 0.94 19.47 14.69
N CYS A 342 0.94 18.13 14.50
CA CYS A 342 1.16 17.44 13.23
C CYS A 342 0.86 15.95 13.46
N SER A 343 0.85 15.11 12.43
CA SER A 343 0.66 13.69 12.65
C SER A 343 1.92 13.19 13.34
N LYS A 344 1.82 12.11 14.09
CA LYS A 344 3.00 11.39 14.61
C LYS A 344 3.92 10.88 13.47
N GLN A 345 3.39 10.59 12.28
CA GLN A 345 4.22 10.26 11.08
C GLN A 345 5.18 11.40 10.61
N LEU A 346 4.80 12.65 10.88
CA LEU A 346 5.66 13.76 10.46
C LEU A 346 6.85 13.87 11.36
N THR A 347 6.83 13.15 12.50
CA THR A 347 7.92 13.30 13.46
C THR A 347 9.06 12.38 13.09
N LEU A 348 8.77 11.44 12.18
CA LEU A 348 9.75 10.53 11.58
C LEU A 348 10.08 11.00 10.16
N SER A 349 11.37 11.07 9.84
CA SER A 349 11.83 11.33 8.48
C SER A 349 12.06 9.99 7.72
N CYS A 350 12.27 10.01 6.40
CA CYS A 350 12.50 8.76 5.68
C CYS A 350 13.80 8.16 6.16
N PRO A 351 13.86 6.80 6.27
CA PRO A 351 15.09 6.16 6.76
C PRO A 351 16.33 6.60 5.97
N LEU A 352 16.11 6.95 4.70
CA LEU A 352 17.22 7.27 3.80
C LEU A 352 17.23 8.71 3.27
N CYS A 353 16.57 9.59 4.03
CA CYS A 353 16.49 11.05 3.78
C CYS A 353 17.88 11.69 3.71
N VAL A 354 18.09 12.45 2.65
CA VAL A 354 19.34 13.18 2.48
C VAL A 354 19.06 14.68 2.44
N ASN A 355 18.01 15.09 3.15
CA ASN A 355 17.57 16.47 3.09
C ASN A 355 17.50 17.14 4.45
N PRO A 356 18.51 17.97 4.75
CA PRO A 356 18.67 18.75 5.97
C PRO A 356 17.47 19.63 6.26
N VAL A 357 16.68 19.99 5.26
CA VAL A 357 15.50 20.81 5.58
C VAL A 357 14.33 20.04 6.22
N CYS A 358 14.25 18.73 5.99
CA CYS A 358 13.07 17.95 6.46
C CYS A 358 12.93 18.10 7.96
N ARG A 359 14.03 17.79 8.63
CA ARG A 359 14.15 17.87 10.06
C ARG A 359 13.88 19.32 10.58
N GLU A 360 14.20 20.34 9.78
CA GLU A 360 13.88 21.72 10.18
C GLU A 360 12.36 22.06 10.06
N THR A 361 11.74 21.68 8.95
CA THR A 361 10.28 21.82 8.80
C THR A 361 9.50 21.17 9.99
N LYS A 362 10.01 20.01 10.43
CA LYS A 362 9.36 19.18 11.44
C LYS A 362 9.43 19.89 12.75
N SER A 363 10.62 20.44 13.02
CA SER A 363 10.92 21.20 14.24
C SER A 363 10.11 22.51 14.23
N PHE A 364 9.86 23.03 13.02
CA PHE A 364 9.00 24.19 12.90
C PHE A 364 7.58 23.91 13.44
N PHE A 365 7.07 22.69 13.27
CA PHE A 365 5.71 22.34 13.76
C PHE A 365 5.65 21.77 15.20
N THR A 366 6.53 20.82 15.50
CA THR A 366 6.69 20.26 16.84
C THR A 366 7.15 21.26 17.93
N SER A 367 8.12 22.11 17.61
CA SER A 367 8.71 22.97 18.64
C SER A 367 8.63 24.49 18.38
N GLN A 368 7.42 25.04 18.23
CA GLN A 368 7.25 26.50 18.19
C GLN A 368 7.27 27.06 19.63
N GLN A 369 6.16 27.67 20.07
CA GLN A 369 5.97 28.13 21.47
C GLN A 369 4.48 28.01 21.85
N LEU A 370 3.67 27.75 20.83
CA LEU A 370 2.24 27.51 20.97
C LEU A 370 1.83 26.41 19.98
N ARG B 12 -16.14 -40.59 14.16
CA ARG B 12 -16.96 -39.98 13.05
C ARG B 12 -16.12 -39.74 11.79
N LYS B 13 -16.76 -39.43 10.66
CA LYS B 13 -16.03 -39.30 9.40
C LYS B 13 -15.94 -37.81 9.00
N PRO B 14 -14.72 -37.32 8.67
CA PRO B 14 -14.49 -35.93 8.26
C PRO B 14 -15.41 -35.52 7.14
N LYS B 15 -16.02 -34.36 7.33
CA LYS B 15 -16.96 -33.79 6.41
C LYS B 15 -16.43 -32.54 5.74
N THR B 16 -15.72 -31.69 6.48
CA THR B 16 -15.22 -30.49 5.85
C THR B 16 -13.71 -30.48 6.04
N GLY B 17 -12.97 -30.27 4.96
CA GLY B 17 -11.52 -30.28 5.08
C GLY B 17 -10.95 -28.92 4.76
N ILE B 18 -10.00 -28.49 5.59
CA ILE B 18 -9.39 -27.19 5.44
C ILE B 18 -7.94 -27.38 5.05
N LEU B 19 -7.71 -27.16 3.78
CA LEU B 19 -6.42 -27.35 3.24
C LEU B 19 -5.60 -26.12 3.49
N MET B 20 -4.72 -26.16 4.49
CA MET B 20 -3.89 -25.01 4.82
C MET B 20 -2.67 -24.95 3.93
N LEU B 21 -2.52 -23.88 3.17
CA LEU B 21 -1.46 -23.75 2.17
C LEU B 21 -0.37 -22.86 2.69
N ASN B 22 0.88 -23.31 2.56
CA ASN B 22 2.05 -22.49 2.92
C ASN B 22 3.22 -22.92 1.99
N MET B 23 4.24 -22.07 1.80
CA MET B 23 5.39 -22.37 0.93
C MET B 23 6.16 -23.46 1.60
N GLY B 24 6.14 -23.42 2.93
CA GLY B 24 6.92 -24.31 3.75
C GLY B 24 8.37 -23.89 3.81
N GLY B 25 9.14 -24.70 4.55
CA GLY B 25 10.59 -24.61 4.76
C GLY B 25 11.08 -25.98 5.29
N PRO B 26 12.39 -26.26 5.13
CA PRO B 26 13.03 -27.54 5.55
C PRO B 26 12.96 -27.81 7.06
N GLU B 27 12.30 -28.89 7.46
CA GLU B 27 12.16 -29.18 8.86
C GLU B 27 13.48 -29.68 9.45
N THR B 28 14.30 -30.32 8.61
CA THR B 28 15.69 -30.62 8.96
C THR B 28 16.66 -30.05 7.94
N LEU B 29 17.91 -29.88 8.38
CA LEU B 29 19.07 -29.83 7.46
C LEU B 29 19.02 -30.89 6.32
N GLY B 30 18.56 -32.11 6.59
CA GLY B 30 18.45 -33.12 5.52
C GLY B 30 17.51 -32.74 4.37
N ASP B 31 16.71 -31.70 4.59
CA ASP B 31 15.53 -31.43 3.78
C ASP B 31 15.80 -30.20 2.99
N VAL B 32 16.86 -29.53 3.36
CA VAL B 32 17.26 -28.32 2.69
C VAL B 32 17.38 -28.45 1.19
N HIS B 33 18.17 -29.42 0.71
CA HIS B 33 18.38 -29.54 -0.74
C HIS B 33 17.08 -29.85 -1.56
N ASP B 34 16.24 -30.71 -1.05
CA ASP B 34 14.96 -30.99 -1.68
C ASP B 34 14.05 -29.72 -1.84
N PHE B 35 14.03 -28.92 -0.77
CA PHE B 35 13.32 -27.65 -0.68
C PHE B 35 13.80 -26.61 -1.70
N LEU B 36 15.10 -26.36 -1.76
CA LEU B 36 15.64 -25.46 -2.77
C LEU B 36 15.42 -25.97 -4.20
N LEU B 37 15.44 -27.29 -4.40
CA LEU B 37 15.16 -27.83 -5.74
C LEU B 37 13.78 -27.35 -6.25
N ARG B 38 12.73 -27.68 -5.50
CA ARG B 38 11.36 -27.38 -5.88
C ARG B 38 11.19 -25.87 -5.86
N LEU B 39 11.56 -25.23 -4.78
CA LEU B 39 11.60 -23.78 -4.74
C LEU B 39 12.13 -23.22 -6.08
N PHE B 40 13.31 -23.68 -6.51
CA PHE B 40 13.86 -23.22 -7.79
C PHE B 40 13.20 -23.78 -9.06
N LEU B 41 12.40 -24.85 -8.95
CA LEU B 41 11.78 -25.46 -10.13
C LEU B 41 10.39 -24.95 -10.42
N ASP B 42 10.08 -23.78 -9.84
CA ASP B 42 8.73 -23.26 -9.72
C ASP B 42 8.61 -22.00 -10.55
N ARG B 43 8.20 -22.19 -11.81
CA ARG B 43 7.90 -21.11 -12.76
C ARG B 43 6.89 -20.08 -12.18
N ASP B 44 5.85 -20.57 -11.51
CA ASP B 44 4.95 -19.71 -10.75
C ASP B 44 5.70 -18.74 -9.85
N LEU B 45 6.76 -19.21 -9.19
CA LEU B 45 7.54 -18.34 -8.30
C LEU B 45 8.56 -17.45 -9.05
N MET B 46 9.35 -18.04 -9.94
CA MET B 46 10.35 -17.27 -10.67
C MET B 46 10.52 -17.79 -12.09
N THR B 47 10.82 -16.87 -13.01
CA THR B 47 11.11 -17.22 -14.42
C THR B 47 12.61 -17.11 -14.63
N LEU B 48 13.34 -17.33 -13.54
CA LEU B 48 14.75 -17.69 -13.56
C LEU B 48 15.00 -19.12 -14.11
N PRO B 49 13.95 -19.99 -14.14
CA PRO B 49 14.10 -21.11 -15.07
C PRO B 49 14.37 -20.60 -16.50
N ILE B 50 15.15 -19.52 -16.60
CA ILE B 50 15.65 -18.97 -17.88
C ILE B 50 16.19 -20.11 -18.72
N GLN B 51 17.11 -20.86 -18.14
CA GLN B 51 17.44 -22.17 -18.61
C GLN B 51 17.08 -23.07 -17.46
N ASN B 52 16.29 -24.10 -17.70
CA ASN B 52 16.07 -25.06 -16.63
C ASN B 52 17.20 -26.05 -16.42
N LYS B 53 17.00 -26.98 -15.49
CA LYS B 53 18.10 -27.78 -14.90
C LYS B 53 19.25 -26.90 -14.38
N LEU B 54 19.11 -25.59 -14.52
CA LEU B 54 19.92 -24.65 -13.77
C LEU B 54 19.40 -24.57 -12.33
N ALA B 55 18.28 -25.24 -12.07
CA ALA B 55 17.75 -25.30 -10.73
C ALA B 55 18.50 -26.31 -9.86
N PRO B 56 18.64 -27.58 -10.30
CA PRO B 56 19.44 -28.46 -9.46
C PRO B 56 20.86 -27.94 -9.29
N ALA B 57 21.34 -27.20 -10.29
CA ALA B 57 22.67 -26.57 -10.25
C ALA B 57 22.82 -25.65 -9.04
N ILE B 58 21.83 -24.80 -8.82
CA ILE B 58 21.88 -23.92 -7.68
C ILE B 58 21.49 -24.64 -6.39
N ALA B 59 20.67 -25.67 -6.50
CA ALA B 59 20.27 -26.43 -5.31
C ALA B 59 21.52 -27.08 -4.68
N LYS B 60 22.10 -28.02 -5.43
CA LYS B 60 23.31 -28.72 -5.03
C LYS B 60 24.41 -27.76 -4.57
N ARG B 61 24.46 -26.60 -5.23
CA ARG B 61 25.40 -25.52 -4.95
C ARG B 61 25.24 -25.01 -3.52
N ARG B 62 24.05 -24.49 -3.21
CA ARG B 62 23.87 -23.65 -2.03
C ARG B 62 23.35 -24.41 -0.84
N THR B 63 22.99 -25.66 -1.05
CA THR B 63 22.57 -26.54 0.02
C THR B 63 23.34 -26.43 1.35
N PRO B 64 24.70 -26.52 1.32
CA PRO B 64 25.33 -26.45 2.64
C PRO B 64 25.40 -25.05 3.28
N LYS B 65 25.41 -23.98 2.48
CA LYS B 65 25.36 -22.62 3.03
C LYS B 65 24.06 -22.41 3.83
N ILE B 66 22.96 -22.80 3.19
CA ILE B 66 21.61 -22.72 3.73
C ILE B 66 21.49 -23.64 4.95
N GLN B 67 22.03 -24.86 4.84
CA GLN B 67 22.07 -25.75 5.99
C GLN B 67 22.69 -25.09 7.23
N GLU B 68 23.65 -24.19 7.02
CA GLU B 68 24.39 -23.50 8.09
C GLU B 68 23.49 -22.47 8.75
N GLN B 69 22.76 -21.76 7.89
CA GLN B 69 21.75 -20.81 8.34
C GLN B 69 20.78 -21.51 9.33
N TYR B 70 20.24 -22.66 8.91
CA TYR B 70 19.27 -23.41 9.72
C TYR B 70 19.79 -23.94 11.06
N ARG B 71 21.09 -24.29 11.08
CA ARG B 71 21.77 -24.73 12.29
C ARG B 71 21.81 -23.57 13.26
N ARG B 72 21.93 -22.35 12.74
CA ARG B 72 21.97 -21.14 13.57
C ARG B 72 20.71 -20.91 14.37
N ILE B 73 19.66 -21.69 14.08
CA ILE B 73 18.35 -21.53 14.74
C ILE B 73 17.64 -22.83 15.16
N GLY B 74 18.37 -23.93 15.27
CA GLY B 74 17.83 -25.17 15.82
C GLY B 74 17.87 -26.39 14.91
N GLY B 75 18.22 -26.19 13.65
CA GLY B 75 18.42 -27.30 12.74
C GLY B 75 17.28 -27.46 11.75
N GLY B 76 16.29 -26.59 11.87
CA GLY B 76 15.15 -26.63 10.98
C GLY B 76 14.22 -25.42 11.05
N SER B 77 13.30 -25.34 10.08
CA SER B 77 12.15 -24.42 10.14
C SER B 77 11.07 -25.02 11.01
N PRO B 78 10.48 -24.23 11.94
CA PRO B 78 9.35 -24.63 12.81
C PRO B 78 8.00 -24.51 12.08
N ILE B 79 8.02 -24.13 10.83
CA ILE B 79 6.77 -23.91 10.12
C ILE B 79 5.72 -24.99 10.30
N LYS B 80 6.14 -26.25 10.30
CA LYS B 80 5.16 -27.29 10.41
C LYS B 80 4.60 -27.46 11.85
N ILE B 81 5.42 -27.23 12.88
CA ILE B 81 4.88 -27.37 14.24
C ILE B 81 3.79 -26.35 14.51
N TRP B 82 4.09 -25.11 14.15
CA TRP B 82 3.15 -24.00 14.35
C TRP B 82 1.87 -24.12 13.51
N THR B 83 2.00 -24.59 12.28
CA THR B 83 0.84 -24.80 11.43
C THR B 83 -0.04 -25.91 11.99
N SER B 84 0.57 -26.99 12.52
CA SER B 84 -0.25 -28.07 13.14
C SER B 84 -1.01 -27.55 14.35
N LYS B 85 -0.34 -26.77 15.21
CA LYS B 85 -1.00 -26.29 16.40
C LYS B 85 -2.14 -25.31 16.00
N GLN B 86 -1.91 -24.54 14.94
CA GLN B 86 -2.90 -23.55 14.51
C GLN B 86 -4.04 -24.31 13.94
N GLY B 87 -3.70 -25.28 13.10
CA GLY B 87 -4.65 -26.17 12.49
C GLY B 87 -5.52 -26.75 13.55
N GLU B 88 -4.99 -26.99 14.75
CA GLU B 88 -5.79 -27.74 15.71
C GLU B 88 -6.76 -26.90 16.50
N GLY B 89 -6.33 -25.71 16.88
CA GLY B 89 -7.19 -24.81 17.60
C GLY B 89 -8.31 -24.46 16.68
N MET B 90 -7.97 -24.23 15.42
CA MET B 90 -8.96 -23.96 14.39
C MET B 90 -10.05 -25.01 14.30
N VAL B 91 -9.64 -26.28 14.25
CA VAL B 91 -10.61 -27.37 14.17
C VAL B 91 -11.41 -27.46 15.48
N LYS B 92 -10.73 -27.39 16.58
CA LYS B 92 -11.46 -27.41 17.85
C LYS B 92 -12.59 -26.34 17.90
N LEU B 93 -12.29 -25.15 17.35
CA LEU B 93 -13.28 -24.05 17.25
C LEU B 93 -14.39 -24.31 16.25
N LEU B 94 -14.05 -24.73 15.02
CA LEU B 94 -15.07 -24.94 13.97
C LEU B 94 -16.05 -26.04 14.40
N ASP B 95 -15.58 -27.10 15.06
CA ASP B 95 -16.60 -28.10 15.46
C ASP B 95 -17.73 -27.47 16.33
N GLU B 96 -17.33 -26.67 17.32
CA GLU B 96 -18.29 -26.10 18.25
C GLU B 96 -19.16 -24.99 17.65
N LEU B 97 -18.57 -24.16 16.81
CA LEU B 97 -19.20 -23.01 16.26
C LEU B 97 -19.95 -23.25 14.95
N SER B 98 -19.51 -24.20 14.14
CA SER B 98 -20.21 -24.55 12.92
C SER B 98 -20.59 -26.06 12.90
N PRO B 99 -21.51 -26.51 13.78
CA PRO B 99 -21.71 -27.97 13.95
C PRO B 99 -22.26 -28.68 12.70
N ASN B 100 -22.90 -27.92 11.81
CA ASN B 100 -23.54 -28.53 10.66
C ASN B 100 -22.55 -28.95 9.63
N THR B 101 -21.34 -28.38 9.70
CA THR B 101 -20.25 -28.75 8.80
C THR B 101 -19.33 -29.71 9.57
N ALA B 102 -19.96 -30.31 10.59
CA ALA B 102 -19.68 -31.70 11.11
C ALA B 102 -18.32 -31.63 11.59
N PRO B 103 -17.55 -32.75 11.49
CA PRO B 103 -16.21 -32.61 12.03
C PRO B 103 -15.36 -32.03 10.97
N HIS B 104 -14.59 -31.01 11.35
CA HIS B 104 -13.66 -30.41 10.42
C HIS B 104 -12.32 -31.08 10.58
N LYS B 105 -11.54 -31.13 9.50
CA LYS B 105 -10.20 -31.66 9.56
C LYS B 105 -9.24 -30.77 8.79
N TYR B 106 -8.06 -30.55 9.34
CA TYR B 106 -7.05 -29.74 8.68
C TYR B 106 -5.99 -30.60 7.96
N TYR B 107 -5.62 -30.20 6.76
CA TYR B 107 -4.54 -30.81 6.00
C TYR B 107 -3.48 -29.80 5.68
N ILE B 108 -2.21 -30.12 5.82
CA ILE B 108 -1.20 -29.11 5.45
C ILE B 108 -0.73 -29.30 4.01
N GLY B 109 -0.67 -28.20 3.26
CA GLY B 109 -0.22 -28.21 1.87
C GLY B 109 0.98 -27.31 1.62
N PHE B 110 2.17 -27.77 1.99
CA PHE B 110 3.34 -26.98 1.68
C PHE B 110 3.65 -27.07 0.21
N ARG B 111 4.21 -25.99 -0.32
CA ARG B 111 4.55 -25.91 -1.72
C ARG B 111 5.86 -26.67 -2.01
N TYR B 112 6.85 -26.53 -1.12
CA TYR B 112 8.22 -27.02 -1.31
C TYR B 112 8.76 -28.16 -0.40
N VAL B 113 7.94 -28.76 0.46
CA VAL B 113 8.43 -29.79 1.38
C VAL B 113 7.26 -30.62 1.74
N HIS B 114 7.52 -31.73 2.42
CA HIS B 114 6.45 -32.60 2.89
C HIS B 114 5.81 -32.00 4.13
N PRO B 115 4.46 -32.09 4.23
CA PRO B 115 3.58 -32.62 3.17
C PRO B 115 3.39 -31.63 2.05
N LEU B 116 3.51 -32.12 0.82
CA LEU B 116 3.30 -31.28 -0.34
C LEU B 116 1.81 -31.15 -0.62
N THR B 117 1.43 -30.12 -1.37
CA THR B 117 0.03 -29.84 -1.71
C THR B 117 -0.62 -31.05 -2.32
N GLU B 118 0.05 -31.63 -3.33
CA GLU B 118 -0.31 -32.96 -3.88
C GLU B 118 -0.50 -34.10 -2.88
N GLU B 119 0.30 -34.13 -1.82
CA GLU B 119 0.14 -35.21 -0.86
C GLU B 119 -1.14 -35.00 -0.03
N ALA B 120 -1.40 -33.78 0.40
CA ALA B 120 -2.60 -33.53 1.18
C ALA B 120 -3.86 -33.69 0.30
N ILE B 121 -3.78 -33.31 -0.99
CA ILE B 121 -4.96 -33.49 -1.83
C ILE B 121 -5.30 -34.97 -1.91
N GLU B 122 -4.30 -35.79 -2.30
CA GLU B 122 -4.57 -37.21 -2.48
C GLU B 122 -5.16 -37.83 -1.22
N GLU B 123 -4.86 -37.25 -0.06
CA GLU B 123 -5.47 -37.73 1.15
C GLU B 123 -6.90 -37.19 1.25
N MET B 124 -7.07 -35.91 0.95
CA MET B 124 -8.41 -35.32 1.00
C MET B 124 -9.33 -36.07 0.06
N GLU B 125 -8.76 -36.50 -1.07
CA GLU B 125 -9.54 -37.23 -2.03
C GLU B 125 -9.94 -38.55 -1.44
N ARG B 126 -9.00 -39.20 -0.76
CA ARG B 126 -9.28 -40.49 -0.14
C ARG B 126 -10.23 -40.38 1.04
N ASP B 127 -10.07 -39.37 1.87
CA ASP B 127 -10.93 -39.16 3.05
C ASP B 127 -12.42 -38.97 2.69
N GLY B 128 -12.71 -38.84 1.38
CA GLY B 128 -14.09 -38.66 0.89
C GLY B 128 -14.88 -37.55 1.58
N LEU B 129 -14.34 -36.34 1.51
CA LEU B 129 -14.88 -35.22 2.23
C LEU B 129 -16.10 -34.68 1.47
N GLU B 130 -16.93 -33.89 2.15
CA GLU B 130 -18.05 -33.25 1.49
C GLU B 130 -17.54 -31.99 0.75
N ARG B 131 -16.53 -31.37 1.34
CA ARG B 131 -16.12 -30.05 0.98
C ARG B 131 -14.65 -29.87 1.33
N ALA B 132 -13.95 -29.13 0.47
CA ALA B 132 -12.57 -28.89 0.70
C ALA B 132 -12.36 -27.42 0.59
N ILE B 133 -11.63 -26.87 1.55
CA ILE B 133 -11.37 -25.49 1.48
C ILE B 133 -9.90 -25.17 1.43
N ALA B 134 -9.48 -24.48 0.36
CA ALA B 134 -8.12 -24.02 0.23
C ALA B 134 -7.91 -22.65 0.84
N PHE B 135 -7.13 -22.68 1.92
CA PHE B 135 -7.07 -21.59 2.89
C PHE B 135 -5.64 -21.13 2.91
N THR B 136 -5.28 -20.25 2.00
CA THR B 136 -3.93 -19.71 2.00
C THR B 136 -3.59 -19.25 3.46
N GLN B 137 -2.33 -19.39 3.86
CA GLN B 137 -1.90 -18.96 5.15
C GLN B 137 -1.08 -17.71 4.97
N TYR B 138 -1.11 -17.16 3.76
CA TYR B 138 -0.67 -15.77 3.48
C TYR B 138 -1.82 -14.72 3.53
N PRO B 139 -1.78 -13.81 4.50
CA PRO B 139 -2.85 -12.79 4.52
C PRO B 139 -2.97 -11.93 3.25
N GLN B 140 -1.83 -11.51 2.68
CA GLN B 140 -1.80 -10.64 1.51
C GLN B 140 -1.42 -11.42 0.27
N TYR B 141 -2.29 -11.42 -0.71
CA TYR B 141 -2.16 -12.33 -1.83
C TYR B 141 -1.02 -11.89 -2.68
N SER B 142 -0.23 -12.84 -3.16
CA SER B 142 0.70 -12.55 -4.25
C SER B 142 0.71 -13.72 -5.17
N CYS B 143 0.94 -13.45 -6.44
CA CYS B 143 0.91 -14.52 -7.43
C CYS B 143 1.99 -15.56 -7.14
N SER B 144 3.07 -15.13 -6.49
CA SER B 144 4.20 -15.96 -6.22
C SER B 144 4.05 -16.81 -4.99
N THR B 145 3.04 -16.55 -4.18
CA THR B 145 2.88 -17.33 -2.96
C THR B 145 1.58 -18.12 -3.06
N THR B 146 0.45 -17.46 -2.74
CA THR B 146 -0.88 -18.04 -2.82
C THR B 146 -1.26 -18.44 -4.24
N GLY B 147 -0.97 -17.58 -5.22
CA GLY B 147 -1.28 -17.85 -6.63
C GLY B 147 -0.54 -19.10 -7.09
N SER B 148 0.70 -19.25 -6.61
CA SER B 148 1.50 -20.39 -6.96
C SER B 148 0.85 -21.64 -6.34
N SER B 149 0.48 -21.48 -5.08
CA SER B 149 -0.11 -22.56 -4.30
C SER B 149 -1.51 -22.95 -4.79
N LEU B 150 -2.23 -22.00 -5.35
CA LEU B 150 -3.56 -22.36 -5.89
C LEU B 150 -3.35 -23.08 -7.19
N ASN B 151 -2.41 -22.57 -7.99
CA ASN B 151 -2.09 -23.24 -9.21
C ASN B 151 -1.66 -24.70 -8.95
N ALA B 152 -0.96 -24.98 -7.86
CA ALA B 152 -0.59 -26.40 -7.63
C ALA B 152 -1.86 -27.32 -7.49
N ILE B 153 -2.95 -26.78 -6.94
CA ILE B 153 -4.16 -27.57 -6.81
C ILE B 153 -4.75 -27.85 -8.23
N TYR B 154 -4.85 -26.81 -9.03
CA TYR B 154 -5.38 -26.97 -10.37
C TYR B 154 -4.46 -27.88 -11.22
N ARG B 155 -3.15 -27.83 -10.96
CA ARG B 155 -2.24 -28.67 -11.72
C ARG B 155 -2.37 -30.09 -11.28
N TYR B 156 -2.77 -30.28 -10.02
CA TYR B 156 -2.91 -31.60 -9.55
C TYR B 156 -3.91 -32.31 -10.41
N TYR B 157 -5.13 -31.77 -10.37
CA TYR B 157 -6.28 -32.36 -11.03
C TYR B 157 -6.08 -32.65 -12.52
N ASN B 158 -5.68 -31.63 -13.28
CA ASN B 158 -5.09 -31.78 -14.61
C ASN B 158 -4.16 -33.05 -14.66
N GLN B 159 -3.02 -33.03 -13.93
CA GLN B 159 -2.03 -34.09 -13.98
C GLN B 159 -2.73 -35.43 -13.90
N VAL B 160 -3.38 -35.66 -12.77
CA VAL B 160 -4.15 -36.85 -12.46
C VAL B 160 -5.37 -37.05 -13.40
N GLY B 161 -5.67 -36.05 -14.24
CA GLY B 161 -6.69 -36.17 -15.28
C GLY B 161 -8.13 -36.46 -14.91
N ARG B 162 -8.52 -36.28 -13.64
CA ARG B 162 -9.95 -36.39 -13.23
C ARG B 162 -10.52 -35.18 -12.45
N LYS B 163 -11.84 -34.98 -12.56
CA LYS B 163 -12.59 -33.95 -11.81
C LYS B 163 -12.49 -34.28 -10.34
N PRO B 164 -12.46 -33.23 -9.47
CA PRO B 164 -12.47 -33.45 -8.02
C PRO B 164 -13.76 -34.11 -7.59
N THR B 165 -13.65 -34.89 -6.51
CA THR B 165 -14.72 -35.72 -5.93
C THR B 165 -15.44 -35.04 -4.74
N MET B 166 -15.35 -33.70 -4.68
CA MET B 166 -15.65 -32.92 -3.47
C MET B 166 -15.75 -31.49 -3.96
N LYS B 167 -16.45 -30.67 -3.19
CA LYS B 167 -16.73 -29.31 -3.57
C LYS B 167 -15.62 -28.43 -3.02
N TRP B 168 -15.12 -27.57 -3.89
CA TRP B 168 -13.95 -26.78 -3.56
C TRP B 168 -14.20 -25.29 -3.54
N SER B 169 -13.59 -24.62 -2.56
CA SER B 169 -13.54 -23.16 -2.59
C SER B 169 -12.23 -22.70 -1.99
N THR B 170 -11.93 -21.41 -2.15
CA THR B 170 -10.74 -20.86 -1.59
C THR B 170 -10.98 -19.54 -0.87
N ILE B 171 -10.24 -19.39 0.23
CA ILE B 171 -10.05 -18.12 0.94
C ILE B 171 -8.71 -17.66 0.48
N ASP B 172 -8.66 -16.91 -0.58
CA ASP B 172 -7.37 -16.54 -1.19
C ASP B 172 -6.64 -15.35 -0.65
N ARG B 173 -7.19 -14.64 0.32
CA ARG B 173 -6.56 -13.47 0.94
C ARG B 173 -7.41 -12.96 2.08
N TRP B 174 -6.76 -12.29 3.03
CA TRP B 174 -7.36 -11.80 4.24
C TRP B 174 -6.51 -10.70 4.93
N PRO B 175 -6.18 -9.65 4.19
CA PRO B 175 -5.11 -8.74 4.64
C PRO B 175 -5.55 -7.83 5.76
N THR B 176 -6.85 -7.64 5.91
CA THR B 176 -7.36 -6.77 6.98
C THR B 176 -8.33 -7.42 7.95
N HIS B 177 -8.36 -8.73 8.05
CA HIS B 177 -9.29 -9.33 9.00
C HIS B 177 -9.08 -8.77 10.42
N HIS B 178 -10.19 -8.50 11.12
CA HIS B 178 -10.14 -7.81 12.43
C HIS B 178 -9.35 -8.59 13.51
N LEU B 179 -9.49 -9.92 13.55
CA LEU B 179 -8.73 -10.69 14.56
C LEU B 179 -7.24 -10.77 14.18
N LEU B 180 -6.97 -10.85 12.88
CA LEU B 180 -5.60 -10.77 12.43
C LEU B 180 -4.96 -9.46 12.93
N ILE B 181 -5.67 -8.36 12.77
CA ILE B 181 -5.13 -7.04 13.10
C ILE B 181 -4.91 -6.94 14.64
N GLN B 182 -5.89 -7.36 15.41
CA GLN B 182 -5.73 -7.40 16.88
C GLN B 182 -4.47 -8.20 17.37
N CYS B 183 -4.22 -9.35 16.76
CA CYS B 183 -3.01 -10.12 17.12
C CYS B 183 -1.82 -9.21 17.01
N PHE B 184 -1.69 -8.55 15.84
CA PHE B 184 -0.51 -7.72 15.57
C PHE B 184 -0.39 -6.56 16.56
N ALA B 185 -1.48 -5.81 16.70
CA ALA B 185 -1.53 -4.70 17.63
C ALA B 185 -1.29 -5.22 19.02
N ASP B 186 -1.75 -6.42 19.36
CA ASP B 186 -1.42 -6.90 20.70
C ASP B 186 0.06 -7.23 20.86
N HIS B 187 0.66 -7.81 19.83
CA HIS B 187 2.05 -8.21 19.91
C HIS B 187 2.94 -6.98 19.90
N ILE B 188 2.58 -5.99 19.07
CA ILE B 188 3.31 -4.73 19.02
C ILE B 188 3.24 -4.05 20.40
N LEU B 189 2.08 -4.07 21.00
CA LEU B 189 1.94 -3.43 22.27
C LEU B 189 2.77 -4.14 23.31
N LYS B 190 2.84 -5.49 23.30
CA LYS B 190 3.56 -6.12 24.39
C LYS B 190 5.06 -5.95 24.16
N GLU B 191 5.49 -5.93 22.93
CA GLU B 191 6.89 -5.70 22.75
C GLU B 191 7.22 -4.26 23.17
N LEU B 192 6.31 -3.34 22.89
CA LEU B 192 6.50 -1.96 23.32
C LEU B 192 6.88 -1.84 24.80
N ASP B 193 6.04 -2.36 25.70
CA ASP B 193 6.27 -2.28 27.14
C ASP B 193 7.70 -2.66 27.57
N HIS B 194 8.41 -3.43 26.73
CA HIS B 194 9.74 -3.96 27.08
C HIS B 194 10.89 -3.03 26.79
N PHE B 195 10.63 -1.96 26.07
CA PHE B 195 11.60 -0.90 25.91
C PHE B 195 11.72 -0.08 27.20
N PRO B 196 12.95 0.41 27.49
CA PRO B 196 13.10 1.38 28.59
C PRO B 196 12.05 2.50 28.52
N LEU B 197 11.37 2.72 29.63
CA LEU B 197 10.21 3.62 29.66
C LEU B 197 10.36 5.01 28.97
N GLU B 198 11.48 5.68 29.18
CA GLU B 198 11.60 7.08 28.75
C GLU B 198 11.97 7.12 27.28
N LYS B 199 11.96 5.94 26.66
CA LYS B 199 12.26 5.83 25.23
C LYS B 199 11.08 5.34 24.41
N ARG B 200 10.04 4.94 25.10
CA ARG B 200 8.90 4.26 24.50
C ARG B 200 8.25 5.08 23.37
N SER B 201 8.35 6.39 23.45
CA SER B 201 7.58 7.22 22.59
C SER B 201 8.43 7.61 21.41
N GLU B 202 9.71 7.24 21.43
CA GLU B 202 10.56 7.53 20.28
C GLU B 202 10.87 6.29 19.47
N VAL B 203 10.22 5.18 19.83
CA VAL B 203 10.45 3.92 19.12
C VAL B 203 9.84 4.02 17.70
N VAL B 204 10.57 3.60 16.69
CA VAL B 204 10.01 3.58 15.35
C VAL B 204 9.65 2.17 14.97
N ILE B 205 8.41 2.01 14.52
CA ILE B 205 7.83 0.72 14.20
C ILE B 205 8.15 0.41 12.75
N LEU B 206 8.92 -0.65 12.54
CA LEU B 206 9.26 -1.01 11.18
C LEU B 206 8.61 -2.29 10.84
N PHE B 207 7.54 -2.17 10.07
CA PHE B 207 6.80 -3.31 9.57
C PHE B 207 7.65 -3.90 8.40
N SER B 208 7.80 -5.20 8.37
CA SER B 208 8.75 -5.83 7.46
C SER B 208 8.12 -7.07 6.76
N ALA B 209 7.98 -6.94 5.45
CA ALA B 209 7.48 -8.01 4.56
C ALA B 209 8.55 -8.48 3.55
N HIS B 210 8.52 -9.74 3.13
CA HIS B 210 9.35 -10.22 1.98
C HIS B 210 9.10 -9.23 0.83
N SER B 211 10.16 -8.79 0.15
CA SER B 211 10.09 -7.89 -0.98
C SER B 211 9.61 -8.62 -2.25
N LEU B 212 9.60 -7.94 -3.38
CA LEU B 212 9.25 -8.59 -4.65
C LEU B 212 10.10 -7.95 -5.73
N PRO B 213 10.48 -8.74 -6.77
CA PRO B 213 11.17 -8.11 -7.90
C PRO B 213 10.36 -6.96 -8.45
N MET B 214 11.00 -5.87 -8.81
CA MET B 214 10.25 -4.89 -9.56
C MET B 214 9.52 -5.50 -10.77
N SER B 215 10.02 -6.59 -11.31
CA SER B 215 9.44 -7.09 -12.53
C SER B 215 8.02 -7.58 -12.20
N VAL B 216 7.86 -8.24 -11.05
CA VAL B 216 6.52 -8.69 -10.59
C VAL B 216 5.58 -7.53 -10.12
N VAL B 217 6.07 -6.62 -9.28
CA VAL B 217 5.28 -5.44 -8.90
C VAL B 217 4.73 -4.74 -10.14
N ASN B 218 5.68 -4.29 -10.98
CA ASN B 218 5.37 -3.60 -12.24
C ASN B 218 4.43 -4.33 -13.23
N ARG B 219 4.20 -5.61 -12.98
CA ARG B 219 3.26 -6.41 -13.77
C ARG B 219 1.84 -6.32 -13.20
N GLY B 220 1.71 -5.70 -12.03
CA GLY B 220 0.46 -5.60 -11.31
C GLY B 220 0.24 -6.65 -10.22
N ASP B 221 1.29 -7.11 -9.55
CA ASP B 221 1.06 -7.96 -8.40
C ASP B 221 0.24 -7.15 -7.33
N PRO B 222 -0.80 -7.77 -6.76
CA PRO B 222 -1.62 -7.09 -5.73
C PRO B 222 -0.96 -7.04 -4.30
N TYR B 223 0.02 -7.88 -4.04
CA TYR B 223 0.63 -8.01 -2.72
C TYR B 223 0.95 -6.69 -1.99
N PRO B 224 1.74 -5.81 -2.65
CA PRO B 224 2.26 -4.63 -1.96
C PRO B 224 1.14 -3.69 -1.52
N GLN B 225 0.10 -3.59 -2.34
CA GLN B 225 -1.14 -2.86 -1.95
C GLN B 225 -1.78 -3.50 -0.74
N GLU B 226 -1.90 -4.80 -0.72
CA GLU B 226 -2.56 -5.44 0.42
C GLU B 226 -1.75 -5.38 1.72
N VAL B 227 -0.42 -5.45 1.59
CA VAL B 227 0.45 -5.45 2.70
C VAL B 227 0.19 -4.11 3.36
N SER B 228 0.24 -3.04 2.56
CA SER B 228 0.02 -1.68 3.05
C SER B 228 -1.34 -1.51 3.76
N ALA B 229 -2.35 -2.21 3.27
CA ALA B 229 -3.64 -2.25 3.94
C ALA B 229 -3.49 -2.86 5.35
N THR B 230 -2.89 -4.03 5.46
CA THR B 230 -2.59 -4.62 6.79
C THR B 230 -1.89 -3.66 7.77
N VAL B 231 -0.95 -2.83 7.26
CA VAL B 231 -0.21 -1.90 8.11
C VAL B 231 -1.16 -0.80 8.52
N GLN B 232 -1.98 -0.30 7.59
CA GLN B 232 -2.85 0.82 7.94
C GLN B 232 -3.79 0.44 9.09
N LYS B 233 -4.41 -0.73 8.96
CA LYS B 233 -5.32 -1.20 10.00
C LYS B 233 -4.66 -1.38 11.39
N VAL B 234 -3.45 -1.91 11.44
CA VAL B 234 -2.70 -2.11 12.68
C VAL B 234 -2.46 -0.78 13.44
N MET B 235 -1.97 0.21 12.71
CA MET B 235 -1.70 1.52 13.24
C MET B 235 -2.95 2.24 13.63
N GLU B 236 -4.00 2.05 12.84
CA GLU B 236 -5.36 2.51 13.20
C GLU B 236 -5.81 1.99 14.56
N ARG B 237 -5.68 0.66 14.81
CA ARG B 237 -6.09 0.11 16.08
C ARG B 237 -5.12 0.60 17.21
N LEU B 238 -3.86 0.87 16.87
CA LEU B 238 -2.89 1.42 17.83
C LEU B 238 -3.06 2.93 18.07
N GLU B 239 -3.99 3.57 17.37
CA GLU B 239 -4.13 5.03 17.42
C GLU B 239 -2.89 5.82 17.04
N TYR B 240 -2.08 5.27 16.15
CA TYR B 240 -0.93 5.97 15.69
C TYR B 240 -0.09 6.48 16.91
N CYS B 241 0.35 5.55 17.77
CA CYS B 241 0.99 5.87 19.06
C CYS B 241 2.52 6.03 18.94
N ASN B 242 3.07 5.55 17.82
CA ASN B 242 4.48 5.62 17.45
C ASN B 242 4.53 5.85 15.92
N PRO B 243 5.65 6.42 15.43
CA PRO B 243 5.71 6.66 14.00
C PRO B 243 6.10 5.35 13.31
N TYR B 244 5.83 5.22 12.02
CA TYR B 244 6.02 3.91 11.36
C TYR B 244 6.56 4.02 9.93
N ARG B 245 7.21 2.96 9.43
CA ARG B 245 7.40 2.74 7.99
C ARG B 245 7.21 1.26 7.59
N LEU B 246 6.88 1.05 6.33
CA LEU B 246 6.70 -0.26 5.79
C LEU B 246 7.86 -0.49 4.85
N VAL B 247 8.74 -1.39 5.24
CA VAL B 247 9.89 -1.80 4.44
C VAL B 247 9.90 -3.33 4.07
N TRP B 248 10.94 -3.74 3.35
CA TRP B 248 10.89 -4.98 2.60
C TRP B 248 12.21 -5.66 2.74
N GLN B 249 12.18 -6.95 3.08
CA GLN B 249 13.38 -7.71 3.43
C GLN B 249 13.62 -8.84 2.45
N SER B 250 14.66 -9.64 2.76
CA SER B 250 15.04 -10.84 2.01
C SER B 250 15.73 -10.38 0.73
N LYS B 251 15.07 -10.56 -0.41
CA LYS B 251 15.58 -10.04 -1.66
C LYS B 251 16.85 -10.82 -2.07
N VAL B 252 16.70 -11.80 -2.95
CA VAL B 252 17.81 -12.57 -3.48
C VAL B 252 18.06 -12.21 -4.95
N GLY B 253 19.32 -11.93 -5.27
CA GLY B 253 19.70 -11.63 -6.66
C GLY B 253 20.17 -10.22 -6.89
N PRO B 254 20.44 -9.88 -8.18
CA PRO B 254 20.91 -8.58 -8.65
C PRO B 254 19.90 -7.68 -9.41
N MET B 255 18.76 -8.21 -9.87
CA MET B 255 17.76 -7.31 -10.48
C MET B 255 17.12 -6.40 -9.41
N PRO B 256 16.42 -5.32 -9.81
CA PRO B 256 15.86 -4.42 -8.78
C PRO B 256 14.62 -4.98 -8.07
N TRP B 257 14.61 -4.92 -6.75
CA TRP B 257 13.45 -5.28 -5.92
C TRP B 257 12.83 -4.10 -5.22
N LEU B 258 11.71 -4.38 -4.55
CA LEU B 258 10.90 -3.35 -3.89
C LEU B 258 11.57 -2.94 -2.55
N GLY B 259 12.02 -1.71 -2.48
CA GLY B 259 12.60 -1.20 -1.27
C GLY B 259 11.73 -0.10 -0.69
N PRO B 260 12.21 0.55 0.38
CA PRO B 260 13.52 0.42 1.03
C PRO B 260 13.73 -0.97 1.50
N GLN B 261 14.95 -1.25 1.93
CA GLN B 261 15.28 -2.54 2.48
C GLN B 261 15.35 -2.41 3.98
N THR B 262 14.87 -3.46 4.66
CA THR B 262 14.89 -3.47 6.10
C THR B 262 16.26 -3.10 6.64
N ASP B 263 17.25 -3.94 6.35
CA ASP B 263 18.62 -3.68 6.75
C ASP B 263 19.03 -2.23 6.46
N GLU B 264 18.90 -1.82 5.21
CA GLU B 264 19.29 -0.47 4.80
C GLU B 264 18.55 0.58 5.66
N SER B 265 17.31 0.31 6.03
CA SER B 265 16.49 1.30 6.73
C SER B 265 16.81 1.28 8.21
N ILE B 266 17.01 0.09 8.76
CA ILE B 266 17.51 0.02 10.11
C ILE B 266 18.77 0.91 10.25
N LYS B 267 19.75 0.62 9.41
CA LYS B 267 21.03 1.32 9.38
C LYS B 267 20.79 2.81 9.28
N GLY B 268 20.08 3.17 8.21
CA GLY B 268 19.79 4.58 7.90
C GLY B 268 19.13 5.37 9.02
N LEU B 269 18.29 4.70 9.78
CA LEU B 269 17.56 5.30 10.87
C LEU B 269 18.53 5.66 11.98
N CYS B 270 19.40 4.68 12.31
CA CYS B 270 20.40 4.79 13.39
C CYS B 270 21.37 5.90 13.19
N GLU B 271 21.68 6.18 11.92
CA GLU B 271 22.62 7.26 11.59
C GLU B 271 21.96 8.62 11.66
N ARG B 272 20.64 8.63 11.52
CA ARG B 272 19.87 9.89 11.59
C ARG B 272 19.35 10.19 12.99
N GLY B 273 19.73 9.37 13.96
CA GLY B 273 19.31 9.57 15.34
C GLY B 273 18.25 8.65 15.89
N ARG B 274 17.69 7.79 15.02
CA ARG B 274 16.56 7.01 15.47
C ARG B 274 17.06 5.63 15.79
N LYS B 275 17.42 5.43 17.04
CA LYS B 275 18.12 4.22 17.42
C LYS B 275 17.21 3.33 18.26
N ASN B 276 15.92 3.66 18.28
CA ASN B 276 14.91 2.80 18.90
C ASN B 276 13.87 2.28 17.91
N ILE B 277 13.94 0.98 17.65
CA ILE B 277 13.33 0.37 16.50
C ILE B 277 12.61 -0.88 16.95
N LEU B 278 11.38 -1.05 16.47
CA LEU B 278 10.64 -2.30 16.69
C LEU B 278 10.35 -2.94 15.30
N LEU B 279 10.75 -4.18 15.10
CA LEU B 279 10.43 -4.91 13.88
C LEU B 279 9.11 -5.66 14.06
N VAL B 280 8.28 -5.59 13.02
CA VAL B 280 7.06 -6.36 12.93
C VAL B 280 7.06 -7.08 11.59
N PRO B 281 7.12 -8.40 11.65
CA PRO B 281 7.06 -9.12 10.39
C PRO B 281 5.61 -9.20 10.01
N ILE B 282 5.21 -8.30 9.14
CA ILE B 282 3.81 -8.07 8.90
C ILE B 282 3.10 -9.00 7.87
N ALA B 283 3.86 -9.80 7.13
CA ALA B 283 3.31 -10.62 6.02
C ALA B 283 3.44 -12.10 6.25
N PHE B 284 3.65 -12.52 7.49
CA PHE B 284 3.72 -13.94 7.80
C PHE B 284 3.19 -14.20 9.20
N THR B 285 2.63 -15.39 9.43
CA THR B 285 1.96 -15.73 10.70
C THR B 285 2.79 -16.61 11.63
N SER B 286 3.97 -16.99 11.18
CA SER B 286 4.78 -17.95 11.88
C SER B 286 6.23 -17.54 11.82
N ASP B 287 6.98 -17.84 12.88
CA ASP B 287 8.44 -17.75 12.89
C ASP B 287 9.03 -18.62 11.80
N HIS B 288 10.09 -18.11 11.18
CA HIS B 288 10.79 -18.93 10.22
C HIS B 288 12.17 -18.33 9.91
N ILE B 289 12.81 -18.80 8.84
CA ILE B 289 14.19 -18.38 8.52
C ILE B 289 14.36 -16.85 8.45
N ASP B 290 13.37 -16.19 7.85
CA ASP B 290 13.36 -14.73 7.65
C ASP B 290 13.20 -14.02 8.96
N THR B 291 12.40 -14.60 9.86
CA THR B 291 12.31 -14.06 11.22
C THR B 291 13.49 -14.50 12.09
N LEU B 292 13.68 -15.82 12.23
CA LEU B 292 14.61 -16.38 13.25
C LEU B 292 16.11 -16.12 12.99
N TYR B 293 16.51 -16.23 11.71
CA TYR B 293 17.87 -15.93 11.29
C TYR B 293 18.01 -14.51 10.69
N GLU B 294 17.30 -14.20 9.61
CA GLU B 294 17.50 -12.90 8.97
C GLU B 294 17.17 -11.69 9.85
N LEU B 295 16.11 -11.78 10.66
CA LEU B 295 15.80 -10.66 11.55
C LEU B 295 16.60 -10.73 12.88
N ASP B 296 16.31 -11.73 13.72
CA ASP B 296 16.96 -11.84 15.06
C ASP B 296 18.50 -11.70 15.05
N ILE B 297 19.10 -12.19 13.96
CA ILE B 297 20.55 -12.28 13.75
C ILE B 297 20.85 -11.62 12.40
N GLU B 298 21.86 -10.77 12.29
CA GLU B 298 22.11 -10.13 10.97
C GLU B 298 21.46 -8.75 10.91
N TYR B 299 20.24 -8.63 11.43
CA TYR B 299 19.57 -7.33 11.56
C TYR B 299 19.56 -6.86 13.03
N SER B 300 19.18 -7.76 13.94
CA SER B 300 19.02 -7.44 15.37
C SER B 300 20.33 -7.59 16.15
N GLN B 301 21.35 -8.20 15.55
CA GLN B 301 22.65 -8.33 16.20
C GLN B 301 23.80 -7.78 15.34
N VAL B 302 24.29 -8.58 14.38
CA VAL B 302 25.40 -8.17 13.51
C VAL B 302 25.28 -6.69 13.08
N LEU B 303 24.51 -6.42 12.03
CA LEU B 303 24.32 -5.05 11.49
C LEU B 303 23.84 -4.06 12.55
N ALA B 304 22.96 -4.52 13.45
CA ALA B 304 22.39 -3.70 14.52
C ALA B 304 23.44 -3.11 15.48
N LYS B 305 23.88 -3.93 16.44
CA LYS B 305 25.03 -3.58 17.29
C LYS B 305 26.28 -3.63 16.39
N GLU B 306 26.61 -2.45 15.87
CA GLU B 306 27.50 -2.22 14.72
C GLU B 306 27.10 -0.87 14.10
N CYS B 307 25.82 -0.50 14.29
CA CYS B 307 25.30 0.82 13.95
C CYS B 307 25.10 1.65 15.20
N GLY B 308 25.21 1.00 16.35
CA GLY B 308 25.07 1.69 17.62
C GLY B 308 23.62 1.90 17.93
N VAL B 309 22.82 0.89 17.59
CA VAL B 309 21.45 0.75 18.06
C VAL B 309 21.42 0.79 19.59
N GLU B 310 20.55 1.64 20.15
CA GLU B 310 20.23 1.63 21.58
C GLU B 310 19.34 0.41 21.94
N ASN B 311 18.21 0.26 21.25
CA ASN B 311 17.34 -0.90 21.43
C ASN B 311 16.65 -1.29 20.13
N ILE B 312 16.69 -2.59 19.85
CA ILE B 312 15.98 -3.15 18.71
C ILE B 312 15.31 -4.45 19.14
N ARG B 313 13.98 -4.45 19.13
CA ARG B 313 13.22 -5.66 19.42
C ARG B 313 12.40 -6.06 18.20
N ARG B 314 11.71 -7.18 18.34
CA ARG B 314 10.98 -7.76 17.24
C ARG B 314 9.75 -8.27 17.90
N ALA B 315 8.57 -7.93 17.36
CA ALA B 315 7.31 -8.36 17.95
C ALA B 315 7.23 -9.86 17.68
N GLU B 316 6.71 -10.63 18.65
CA GLU B 316 6.64 -12.09 18.45
C GLU B 316 5.81 -12.50 17.20
N SER B 317 6.21 -13.57 16.54
CA SER B 317 5.40 -14.14 15.48
C SER B 317 4.04 -14.64 16.03
N LEU B 318 3.03 -14.68 15.18
CA LEU B 318 1.66 -15.02 15.60
C LEU B 318 1.58 -16.35 16.27
N ASN B 319 2.31 -17.32 15.73
CA ASN B 319 2.55 -18.65 16.31
C ASN B 319 1.38 -19.34 16.97
N GLY B 320 1.50 -19.49 18.28
CA GLY B 320 0.43 -20.13 19.03
C GLY B 320 -0.53 -19.20 19.76
N ASN B 321 -0.60 -17.91 19.39
CA ASN B 321 -1.67 -17.06 19.91
C ASN B 321 -3.07 -17.72 19.72
N PRO B 322 -3.81 -17.89 20.80
CA PRO B 322 -5.17 -18.50 20.73
C PRO B 322 -6.15 -17.59 19.98
N LEU B 323 -5.85 -16.30 19.96
CA LEU B 323 -6.63 -15.38 19.20
C LEU B 323 -6.45 -15.56 17.70
N PHE B 324 -5.27 -16.08 17.30
CA PHE B 324 -5.01 -16.33 15.92
C PHE B 324 -5.74 -17.54 15.38
N SER B 325 -5.91 -18.56 16.19
CA SER B 325 -6.67 -19.73 15.75
C SER B 325 -8.13 -19.32 15.55
N LYS B 326 -8.58 -18.42 16.42
CA LYS B 326 -9.94 -17.87 16.39
C LYS B 326 -10.13 -17.07 15.12
N ALA B 327 -9.09 -16.34 14.72
CA ALA B 327 -9.11 -15.69 13.42
C ALA B 327 -9.30 -16.65 12.27
N LEU B 328 -8.59 -17.80 12.26
CA LEU B 328 -8.68 -18.76 11.15
C LEU B 328 -9.97 -19.51 11.11
N ALA B 329 -10.54 -19.76 12.27
CA ALA B 329 -11.83 -20.43 12.32
C ALA B 329 -12.92 -19.43 11.93
N ASP B 330 -12.75 -18.19 12.35
CA ASP B 330 -13.72 -17.15 12.04
C ASP B 330 -13.83 -16.87 10.56
N LEU B 331 -12.69 -16.71 9.89
CA LEU B 331 -12.62 -16.71 8.42
C LEU B 331 -13.23 -17.90 7.69
N VAL B 332 -13.06 -19.11 8.21
CA VAL B 332 -13.63 -20.30 7.57
C VAL B 332 -15.15 -20.29 7.80
N HIS B 333 -15.57 -20.05 9.04
CA HIS B 333 -17.00 -20.00 9.28
C HIS B 333 -17.71 -19.01 8.35
N SER B 334 -17.24 -17.77 8.33
CA SER B 334 -17.84 -16.76 7.46
C SER B 334 -17.80 -17.21 5.99
N HIS B 335 -16.65 -17.71 5.56
CA HIS B 335 -16.53 -18.30 4.22
C HIS B 335 -17.71 -19.28 3.96
N ILE B 336 -17.87 -20.27 4.80
CA ILE B 336 -18.96 -21.18 4.64
C ILE B 336 -20.31 -20.46 4.46
N GLN B 337 -20.65 -19.52 5.35
CA GLN B 337 -21.97 -18.87 5.30
C GLN B 337 -22.04 -17.97 4.08
N SER B 338 -20.91 -17.47 3.63
CA SER B 338 -20.92 -16.64 2.43
C SER B 338 -21.26 -17.44 1.17
N ASN B 339 -20.91 -18.74 1.11
CA ASN B 339 -21.07 -19.54 -0.12
C ASN B 339 -20.19 -19.03 -1.28
N GLU B 340 -19.24 -18.18 -0.98
CA GLU B 340 -18.30 -17.67 -1.97
C GLU B 340 -17.31 -18.77 -2.34
N LEU B 341 -17.02 -18.88 -3.63
CA LEU B 341 -16.01 -19.78 -4.15
C LEU B 341 -14.59 -19.22 -4.04
N CYS B 342 -14.46 -17.89 -4.10
CA CYS B 342 -13.18 -17.21 -4.01
C CYS B 342 -13.43 -15.72 -3.82
N SER B 343 -12.42 -14.98 -3.39
CA SER B 343 -12.54 -13.54 -3.36
C SER B 343 -12.91 -12.96 -4.76
N LYS B 344 -13.53 -11.79 -4.76
CA LYS B 344 -13.78 -11.10 -6.00
C LYS B 344 -12.43 -10.79 -6.69
N GLN B 345 -11.39 -10.50 -5.88
CA GLN B 345 -10.05 -10.21 -6.40
C GLN B 345 -9.52 -11.32 -7.30
N LEU B 346 -9.70 -12.56 -6.87
CA LEU B 346 -9.17 -13.68 -7.61
C LEU B 346 -9.70 -13.70 -9.04
N THR B 347 -10.98 -13.32 -9.22
CA THR B 347 -11.62 -13.35 -10.54
C THR B 347 -10.94 -12.44 -11.55
N LEU B 348 -9.90 -11.70 -11.14
CA LEU B 348 -9.16 -10.80 -12.04
C LEU B 348 -7.63 -11.02 -12.06
N SER B 349 -7.08 -11.42 -13.22
CA SER B 349 -5.62 -11.66 -13.34
C SER B 349 -4.85 -10.34 -13.36
N CYS B 350 -3.59 -10.36 -12.93
CA CYS B 350 -2.75 -9.19 -13.13
C CYS B 350 -2.99 -8.60 -14.51
N PRO B 351 -2.95 -7.26 -14.64
CA PRO B 351 -3.20 -6.74 -16.00
C PRO B 351 -2.08 -7.12 -16.95
N LEU B 352 -0.90 -7.44 -16.42
CA LEU B 352 0.19 -7.94 -17.26
C LEU B 352 0.51 -9.44 -16.98
N CYS B 353 -0.47 -10.19 -16.50
CA CYS B 353 -0.30 -11.62 -16.35
C CYS B 353 0.17 -12.33 -17.66
N VAL B 354 1.26 -13.11 -17.56
CA VAL B 354 1.75 -13.90 -18.71
C VAL B 354 1.71 -15.41 -18.44
N ASN B 355 1.47 -15.79 -17.19
CA ASN B 355 1.34 -17.17 -16.78
C ASN B 355 -0.03 -17.79 -17.20
N PRO B 356 -0.04 -18.62 -18.28
CA PRO B 356 -1.30 -19.22 -18.77
C PRO B 356 -2.05 -20.06 -17.74
N VAL B 357 -1.36 -20.50 -16.69
CA VAL B 357 -2.00 -21.24 -15.59
C VAL B 357 -3.07 -20.41 -14.86
N CYS B 358 -2.81 -19.10 -14.74
CA CYS B 358 -3.62 -18.21 -13.90
C CYS B 358 -5.12 -18.28 -14.21
N ARG B 359 -5.45 -18.04 -15.48
CA ARG B 359 -6.83 -18.19 -16.00
C ARG B 359 -7.58 -19.50 -15.66
N GLU B 360 -6.89 -20.64 -15.67
CA GLU B 360 -7.54 -21.95 -15.48
C GLU B 360 -7.71 -22.22 -14.00
N THR B 361 -6.83 -21.62 -13.20
CA THR B 361 -6.96 -21.66 -11.75
C THR B 361 -8.15 -20.82 -11.31
N LYS B 362 -8.39 -19.71 -12.01
CA LYS B 362 -9.59 -18.92 -11.77
C LYS B 362 -10.83 -19.85 -11.95
N SER B 363 -10.97 -20.38 -13.16
CA SER B 363 -12.10 -21.24 -13.50
C SER B 363 -12.23 -22.51 -12.64
N PHE B 364 -11.10 -22.98 -12.10
CA PHE B 364 -11.21 -24.16 -11.23
C PHE B 364 -12.05 -23.82 -9.97
N PHE B 365 -11.89 -22.59 -9.47
CA PHE B 365 -12.67 -22.15 -8.33
C PHE B 365 -14.02 -21.51 -8.69
N THR B 366 -14.13 -20.92 -9.89
CA THR B 366 -15.38 -20.24 -10.22
C THR B 366 -16.36 -21.17 -10.97
N SER B 367 -15.80 -21.97 -11.89
CA SER B 367 -16.61 -22.71 -12.88
C SER B 367 -16.56 -24.24 -12.73
N GLN B 368 -16.28 -24.69 -11.51
CA GLN B 368 -16.11 -26.11 -11.24
C GLN B 368 -17.37 -26.91 -11.61
N GLN B 369 -17.19 -28.19 -11.90
CA GLN B 369 -18.31 -29.10 -12.21
C GLN B 369 -18.78 -29.98 -11.02
N LEU B 370 -18.66 -29.41 -9.80
CA LEU B 370 -19.27 -29.90 -8.54
C LEU B 370 -18.95 -28.97 -7.33
#